data_2Q2V
#
_entry.id   2Q2V
#
_cell.length_a   115.328
_cell.length_b   58.176
_cell.length_c   119.382
_cell.angle_alpha   90.000
_cell.angle_beta   92.300
_cell.angle_gamma   90.000
#
_symmetry.space_group_name_H-M   'C 1 2 1'
#
loop_
_entity.id
_entity.type
_entity.pdbx_description
1 polymer 'Beta-D-hydroxybutyrate dehydrogenase'
2 non-polymer NICOTINAMIDE-ADENINE-DINUCLEOTIDE
3 water water
#
_entity_poly.entity_id   1
_entity_poly.type   'polypeptide(L)'
_entity_poly.pdbx_seq_one_letter_code
;TLKGKTALVTGSTSGIGLGIAQVLARAGANIVLNGFGDPAPALAEIARHGVKAVHHPADLSDVAQIEALFALAEREFGGV
DILVNNAGIQHVAPVEQFPLESWDKIIALNLSAVFHGTRLALPGMRARNWGRIINIASVHGLVGSTGKAAYVAAKHGVVG
LTKVVGLETATSNVTCNAICPGWVLTPLVQKQIDDRAANGGDPLQAQHDLLAEKQPSLAFVTPEHLGELVLFLCSEAGSQ
VRGAAWNVDGGWLAQ
;
_entity_poly.pdbx_strand_id   A,B,C,D
#
loop_
_chem_comp.id
_chem_comp.type
_chem_comp.name
_chem_comp.formula
NAD non-polymer NICOTINAMIDE-ADENINE-DINUCLEOTIDE 'C21 H27 N7 O14 P2'
#
# COMPACT_ATOMS: atom_id res chain seq x y z
N THR A 1 7.31 -7.41 -27.40
CA THR A 1 7.50 -8.72 -26.69
C THR A 1 8.43 -9.62 -27.53
N LEU A 2 7.93 -10.01 -28.71
CA LEU A 2 8.70 -10.82 -29.63
C LEU A 2 9.12 -10.05 -30.88
N LYS A 3 9.17 -8.73 -30.79
CA LYS A 3 9.72 -7.97 -31.89
C LYS A 3 11.11 -8.48 -32.26
N GLY A 4 11.34 -8.70 -33.55
CA GLY A 4 12.61 -9.23 -34.03
C GLY A 4 12.65 -10.76 -34.08
N LYS A 5 11.60 -11.44 -33.62
CA LYS A 5 11.62 -12.92 -33.70
C LYS A 5 10.82 -13.44 -34.90
N THR A 6 11.12 -14.67 -35.33
CA THR A 6 10.30 -15.36 -36.35
C THR A 6 9.77 -16.64 -35.76
N ALA A 7 8.45 -16.84 -35.88
CA ALA A 7 7.81 -18.07 -35.43
C ALA A 7 7.25 -18.84 -36.64
N LEU A 8 7.47 -20.15 -36.67
CA LEU A 8 6.86 -21.03 -37.68
C LEU A 8 5.81 -21.83 -36.91
N VAL A 9 4.57 -21.81 -37.37
CA VAL A 9 3.49 -22.55 -36.69
C VAL A 9 2.91 -23.52 -37.75
N THR A 10 3.01 -24.83 -37.50
CA THR A 10 2.43 -25.79 -38.45
C THR A 10 0.92 -25.84 -38.28
N GLY A 11 0.19 -26.13 -39.36
CA GLY A 11 -1.30 -26.24 -39.35
C GLY A 11 -1.92 -24.93 -38.87
N SER A 12 -1.47 -23.82 -39.47
CA SER A 12 -1.86 -22.48 -38.97
C SER A 12 -2.69 -21.67 -39.94
N THR A 13 -3.29 -22.32 -40.92
CA THR A 13 -4.22 -21.63 -41.80
C THR A 13 -5.62 -21.58 -41.22
N SER A 14 -5.81 -22.27 -40.10
CA SER A 14 -7.11 -22.25 -39.39
C SER A 14 -6.96 -22.72 -37.94
N GLY A 15 -8.02 -22.53 -37.14
CA GLY A 15 -8.11 -23.11 -35.79
C GLY A 15 -6.97 -22.82 -34.82
N ILE A 16 -6.53 -23.85 -34.11
CA ILE A 16 -5.51 -23.70 -33.06
C ILE A 16 -4.25 -23.03 -33.60
N GLY A 17 -3.73 -23.55 -34.73
CA GLY A 17 -2.49 -22.97 -35.33
C GLY A 17 -2.63 -21.50 -35.65
N LEU A 18 -3.74 -21.12 -36.28
CA LEU A 18 -3.97 -19.74 -36.60
C LEU A 18 -4.11 -18.85 -35.35
N GLY A 19 -4.83 -19.35 -34.34
CA GLY A 19 -4.99 -18.61 -33.09
C GLY A 19 -3.65 -18.30 -32.45
N ILE A 20 -2.77 -19.32 -32.37
CA ILE A 20 -1.41 -19.16 -31.84
C ILE A 20 -0.61 -18.18 -32.69
N ALA A 21 -0.64 -18.38 -34.00
CA ALA A 21 0.00 -17.43 -34.91
C ALA A 21 -0.39 -15.97 -34.67
N GLN A 22 -1.71 -15.73 -34.52
CA GLN A 22 -2.27 -14.38 -34.28
C GLN A 22 -1.71 -13.76 -33.01
N VAL A 23 -1.66 -14.54 -31.92
CA VAL A 23 -1.13 -14.01 -30.64
C VAL A 23 0.35 -13.63 -30.78
N LEU A 24 1.11 -14.48 -31.46
CA LEU A 24 2.53 -14.21 -31.68
C LEU A 24 2.75 -12.98 -32.58
N ALA A 25 1.86 -12.80 -33.56
CA ALA A 25 1.94 -11.67 -34.49
C ALA A 25 1.70 -10.36 -33.74
N ARG A 26 0.72 -10.41 -32.85
CA ARG A 26 0.36 -9.24 -32.07
C ARG A 26 1.50 -8.86 -31.17
N ALA A 27 2.24 -9.88 -30.74
CA ALA A 27 3.45 -9.71 -29.94
C ALA A 27 4.64 -9.22 -30.74
N GLY A 28 4.51 -9.15 -32.07
CA GLY A 28 5.59 -8.58 -32.91
C GLY A 28 6.43 -9.54 -33.73
N ALA A 29 6.11 -10.84 -33.68
CA ALA A 29 6.83 -11.86 -34.44
C ALA A 29 6.35 -11.92 -35.88
N ASN A 30 7.30 -12.05 -36.79
CA ASN A 30 7.03 -12.53 -38.15
C ASN A 30 6.61 -13.98 -38.13
N ILE A 31 5.74 -14.37 -39.07
CA ILE A 31 5.11 -15.70 -39.02
C ILE A 31 5.35 -16.48 -40.31
N VAL A 32 5.74 -17.74 -40.16
CA VAL A 32 5.71 -18.70 -41.25
C VAL A 32 4.51 -19.60 -41.01
N LEU A 33 3.52 -19.46 -41.87
CA LEU A 33 2.24 -20.18 -41.79
C LEU A 33 2.39 -21.45 -42.63
N ASN A 34 1.58 -22.45 -42.31
CA ASN A 34 1.61 -23.68 -43.09
C ASN A 34 0.20 -24.23 -43.03
N GLY A 35 -0.26 -24.84 -44.12
CA GLY A 35 -1.56 -25.51 -44.08
C GLY A 35 -2.31 -25.47 -45.39
N PHE A 36 -3.46 -26.12 -45.40
CA PHE A 36 -4.26 -26.26 -46.61
C PHE A 36 -5.06 -24.99 -46.86
N GLY A 37 -5.49 -24.80 -48.11
CA GLY A 37 -6.33 -23.66 -48.49
C GLY A 37 -5.62 -22.50 -49.17
N ASP A 38 -6.41 -21.59 -49.71
CA ASP A 38 -5.94 -20.33 -50.22
C ASP A 38 -5.28 -19.69 -48.99
N PRO A 39 -4.02 -19.28 -49.10
CA PRO A 39 -3.49 -18.73 -47.83
C PRO A 39 -3.65 -17.19 -47.74
N ALA A 40 -4.21 -16.57 -48.79
CA ALA A 40 -4.31 -15.10 -48.83
C ALA A 40 -5.07 -14.54 -47.63
N PRO A 41 -6.23 -15.13 -47.28
CA PRO A 41 -6.92 -14.72 -46.04
C PRO A 41 -6.12 -14.87 -44.74
N ALA A 42 -5.55 -16.07 -44.49
CA ALA A 42 -4.64 -16.31 -43.38
C ALA A 42 -3.42 -15.35 -43.33
N LEU A 43 -2.77 -15.13 -44.48
CA LEU A 43 -1.63 -14.19 -44.52
C LEU A 43 -2.07 -12.78 -44.15
N ALA A 44 -3.28 -12.41 -44.61
CA ALA A 44 -3.80 -11.07 -44.41
C ALA A 44 -4.19 -10.91 -42.93
N GLU A 45 -4.74 -11.97 -42.33
CA GLU A 45 -5.06 -11.96 -40.89
C GLU A 45 -3.81 -11.75 -40.02
N ILE A 46 -2.65 -12.23 -40.49
CA ILE A 46 -1.37 -12.02 -39.81
C ILE A 46 -0.81 -10.62 -40.11
N ALA A 47 -0.72 -10.27 -41.41
CA ALA A 47 -0.12 -9.01 -41.88
C ALA A 47 -0.83 -7.78 -41.34
N ARG A 48 -2.15 -7.88 -41.09
CA ARG A 48 -2.86 -6.72 -40.52
C ARG A 48 -2.38 -6.39 -39.08
N HIS A 49 -1.67 -7.30 -38.45
CA HIS A 49 -0.99 -6.99 -37.17
C HIS A 49 0.34 -6.20 -37.31
N GLY A 50 0.77 -5.93 -38.54
CA GLY A 50 1.97 -5.09 -38.78
C GLY A 50 3.26 -5.93 -38.63
N VAL A 51 3.19 -7.14 -39.16
CA VAL A 51 4.28 -8.07 -39.11
C VAL A 51 4.37 -8.67 -40.51
N LYS A 52 5.48 -9.33 -40.83
CA LYS A 52 5.66 -9.99 -42.14
C LYS A 52 5.22 -11.45 -42.01
N ALA A 53 4.64 -12.00 -43.08
CA ALA A 53 4.27 -13.43 -43.07
C ALA A 53 4.52 -14.07 -44.42
N VAL A 54 4.76 -15.38 -44.41
CA VAL A 54 4.83 -16.17 -45.62
C VAL A 54 4.07 -17.46 -45.33
N HIS A 55 3.77 -18.24 -46.37
CA HIS A 55 3.05 -19.47 -46.15
C HIS A 55 3.66 -20.57 -47.02
N HIS A 56 3.63 -21.79 -46.51
CA HIS A 56 3.99 -22.95 -47.33
C HIS A 56 2.96 -24.05 -47.15
N PRO A 57 2.47 -24.66 -48.26
CA PRO A 57 1.39 -25.67 -48.13
C PRO A 57 1.80 -27.09 -47.71
N ALA A 58 3.05 -27.26 -47.26
CA ALA A 58 3.56 -28.59 -46.94
C ALA A 58 2.58 -29.52 -46.21
N ASP A 59 2.41 -30.71 -46.80
CA ASP A 59 1.82 -31.88 -46.13
C ASP A 59 2.94 -32.52 -45.29
N LEU A 60 2.80 -32.43 -43.97
CA LEU A 60 3.85 -32.80 -43.05
C LEU A 60 3.99 -34.32 -42.86
N SER A 61 3.16 -35.11 -43.56
CA SER A 61 3.41 -36.57 -43.63
C SER A 61 4.48 -36.88 -44.71
N ASP A 62 4.86 -35.88 -45.51
CA ASP A 62 5.83 -36.06 -46.58
C ASP A 62 7.09 -35.33 -46.14
N VAL A 63 8.15 -36.07 -45.87
CA VAL A 63 9.36 -35.46 -45.30
C VAL A 63 10.01 -34.43 -46.22
N ALA A 64 9.98 -34.71 -47.52
CA ALA A 64 10.44 -33.78 -48.53
C ALA A 64 9.70 -32.44 -48.44
N GLN A 65 8.42 -32.50 -48.13
CA GLN A 65 7.62 -31.29 -48.07
C GLN A 65 7.95 -30.57 -46.77
N ILE A 66 8.19 -31.32 -45.70
CA ILE A 66 8.58 -30.61 -44.46
C ILE A 66 9.90 -29.87 -44.67
N GLU A 67 10.81 -30.52 -45.37
CA GLU A 67 12.10 -29.89 -45.75
C GLU A 67 11.94 -28.59 -46.55
N ALA A 68 11.01 -28.62 -47.52
CA ALA A 68 10.65 -27.45 -48.33
C ALA A 68 10.10 -26.31 -47.47
N LEU A 69 9.28 -26.66 -46.50
CA LEU A 69 8.69 -25.67 -45.58
C LEU A 69 9.80 -24.94 -44.77
N PHE A 70 10.75 -25.71 -44.25
CA PHE A 70 11.88 -25.11 -43.50
C PHE A 70 12.87 -24.39 -44.39
N ALA A 71 13.05 -24.91 -45.60
CA ALA A 71 13.89 -24.20 -46.57
C ALA A 71 13.27 -22.83 -46.89
N LEU A 72 11.94 -22.78 -47.03
CA LEU A 72 11.28 -21.47 -47.21
C LEU A 72 11.53 -20.53 -46.00
N ALA A 73 11.39 -21.05 -44.79
CA ALA A 73 11.65 -20.23 -43.60
C ALA A 73 13.09 -19.68 -43.57
N GLU A 74 14.03 -20.52 -43.98
CA GLU A 74 15.43 -20.12 -44.01
C GLU A 74 15.65 -19.02 -45.04
N ARG A 75 15.06 -19.18 -46.23
CA ARG A 75 15.21 -18.19 -47.31
C ARG A 75 14.60 -16.83 -47.01
N GLU A 76 13.42 -16.83 -46.39
CA GLU A 76 12.65 -15.59 -46.27
C GLU A 76 12.92 -14.90 -44.94
N PHE A 77 13.20 -15.68 -43.90
CA PHE A 77 13.39 -15.12 -42.57
C PHE A 77 14.72 -15.45 -41.90
N GLY A 78 15.56 -16.24 -42.55
CA GLY A 78 16.84 -16.61 -41.98
C GLY A 78 16.73 -17.62 -40.87
N GLY A 79 15.65 -18.37 -40.84
CA GLY A 79 15.49 -19.42 -39.84
C GLY A 79 14.46 -19.05 -38.80
N VAL A 80 14.03 -20.06 -38.07
CA VAL A 80 12.97 -20.00 -37.10
C VAL A 80 13.56 -19.76 -35.70
N ASP A 81 13.11 -18.70 -35.01
CA ASP A 81 13.42 -18.58 -33.59
C ASP A 81 12.49 -19.40 -32.70
N ILE A 82 11.23 -19.53 -33.14
CA ILE A 82 10.20 -20.14 -32.31
C ILE A 82 9.48 -21.13 -33.24
N LEU A 83 9.49 -22.40 -32.88
CA LEU A 83 8.79 -23.39 -33.66
C LEU A 83 7.61 -23.93 -32.85
N VAL A 84 6.41 -23.84 -33.44
CA VAL A 84 5.22 -24.46 -32.84
C VAL A 84 4.78 -25.64 -33.69
N ASN A 85 5.03 -26.85 -33.17
CA ASN A 85 4.59 -28.08 -33.85
C ASN A 85 3.14 -28.40 -33.46
N ASN A 86 2.25 -28.10 -34.41
CA ASN A 86 0.80 -28.21 -34.18
C ASN A 86 0.10 -29.13 -35.18
N ALA A 87 -0.69 -30.10 -34.74
CA ALA A 87 -0.95 -31.15 -35.76
C ALA A 87 -2.25 -31.80 -36.11
N GLY A 88 -2.43 -31.80 -37.42
CA GLY A 88 -3.14 -32.87 -38.09
C GLY A 88 -4.47 -33.27 -37.48
N ILE A 89 -4.50 -34.47 -36.88
CA ILE A 89 -5.54 -35.40 -37.34
C ILE A 89 -5.92 -36.55 -36.38
N GLN A 90 -7.16 -37.01 -36.50
CA GLN A 90 -7.77 -37.97 -35.61
C GLN A 90 -8.56 -39.04 -36.38
N HIS A 91 -8.66 -40.23 -35.79
CA HIS A 91 -9.51 -41.26 -36.32
C HIS A 91 -9.95 -42.16 -35.18
N VAL A 92 -11.23 -42.48 -35.12
CA VAL A 92 -11.75 -43.26 -34.01
C VAL A 92 -12.19 -44.67 -34.45
N ALA A 93 -11.62 -45.69 -33.80
CA ALA A 93 -12.02 -47.07 -34.08
C ALA A 93 -11.42 -47.94 -33.00
N PRO A 94 -12.06 -49.08 -32.68
CA PRO A 94 -11.40 -50.01 -31.75
C PRO A 94 -10.05 -50.47 -32.30
N VAL A 95 -9.13 -50.75 -31.39
CA VAL A 95 -7.77 -51.08 -31.78
C VAL A 95 -7.74 -52.20 -32.83
N GLU A 96 -8.57 -53.24 -32.66
CA GLU A 96 -8.49 -54.38 -33.57
C GLU A 96 -9.07 -54.11 -34.95
N GLN A 97 -9.76 -52.98 -35.10
CA GLN A 97 -10.34 -52.61 -36.38
C GLN A 97 -9.75 -51.27 -36.83
N PHE A 98 -8.68 -50.84 -36.14
CA PHE A 98 -8.08 -49.54 -36.46
C PHE A 98 -7.37 -49.68 -37.82
N PRO A 99 -7.76 -48.86 -38.80
CA PRO A 99 -7.18 -49.01 -40.15
C PRO A 99 -5.67 -48.76 -40.17
N LEU A 100 -4.96 -49.58 -40.94
CA LEU A 100 -3.52 -49.48 -40.98
C LEU A 100 -3.10 -48.15 -41.58
N GLU A 101 -3.78 -47.68 -42.61
CA GLU A 101 -3.36 -46.41 -43.19
C GLU A 101 -3.60 -45.25 -42.23
N SER A 102 -4.60 -45.38 -41.38
CA SER A 102 -4.92 -44.29 -40.48
C SER A 102 -3.92 -44.28 -39.30
N TRP A 103 -3.50 -45.45 -38.86
CA TRP A 103 -2.44 -45.54 -37.84
C TRP A 103 -1.20 -44.83 -38.39
N ASP A 104 -0.82 -45.15 -39.63
CA ASP A 104 0.43 -44.64 -40.22
C ASP A 104 0.34 -43.15 -40.44
N LYS A 105 -0.83 -42.69 -40.86
CA LYS A 105 -0.97 -41.24 -41.08
C LYS A 105 -0.95 -40.44 -39.79
N ILE A 106 -1.69 -40.92 -38.79
CA ILE A 106 -1.72 -40.23 -37.48
C ILE A 106 -0.34 -40.19 -36.83
N ILE A 107 0.38 -41.32 -36.87
CA ILE A 107 1.79 -41.34 -36.40
C ILE A 107 2.65 -40.33 -37.19
N ALA A 108 2.55 -40.36 -38.52
CA ALA A 108 3.37 -39.47 -39.37
C ALA A 108 3.13 -37.98 -39.04
N LEU A 109 1.87 -37.60 -38.93
CA LEU A 109 1.56 -36.16 -38.72
C LEU A 109 1.66 -35.71 -37.28
N ASN A 110 1.17 -36.53 -36.34
CA ASN A 110 1.12 -36.10 -34.95
C ASN A 110 2.43 -36.37 -34.21
N LEU A 111 3.23 -37.31 -34.70
CA LEU A 111 4.48 -37.66 -34.02
C LEU A 111 5.72 -37.38 -34.85
N SER A 112 5.87 -38.06 -36.00
CA SER A 112 7.13 -37.92 -36.75
C SER A 112 7.38 -36.50 -37.26
N ALA A 113 6.30 -35.77 -37.58
CA ALA A 113 6.46 -34.39 -38.09
C ALA A 113 7.16 -33.54 -37.03
N VAL A 114 6.96 -33.91 -35.75
CA VAL A 114 7.55 -33.16 -34.63
C VAL A 114 9.04 -33.41 -34.61
N PHE A 115 9.44 -34.66 -34.79
CA PHE A 115 10.88 -34.95 -34.92
C PHE A 115 11.52 -34.16 -36.10
N HIS A 116 10.89 -34.21 -37.26
CA HIS A 116 11.44 -33.55 -38.43
C HIS A 116 11.51 -32.02 -38.25
N GLY A 117 10.42 -31.39 -37.76
CA GLY A 117 10.47 -29.95 -37.49
C GLY A 117 11.61 -29.61 -36.53
N THR A 118 11.72 -30.39 -35.46
CA THR A 118 12.74 -30.23 -34.41
C THR A 118 14.16 -30.36 -34.96
N ARG A 119 14.46 -31.45 -35.69
CA ARG A 119 15.80 -31.61 -36.29
C ARG A 119 16.14 -30.48 -37.28
N LEU A 120 15.12 -29.98 -37.96
CA LEU A 120 15.34 -28.88 -38.92
C LEU A 120 15.53 -27.48 -38.28
N ALA A 121 14.85 -27.23 -37.17
CA ALA A 121 14.91 -25.91 -36.49
C ALA A 121 16.06 -25.79 -35.49
N LEU A 122 16.45 -26.91 -34.87
CA LEU A 122 17.35 -26.82 -33.72
C LEU A 122 18.77 -26.31 -34.02
N PRO A 123 19.40 -26.72 -35.15
CA PRO A 123 20.76 -26.22 -35.42
C PRO A 123 20.88 -24.70 -35.40
N GLY A 124 19.91 -24.01 -36.03
CA GLY A 124 19.90 -22.54 -36.10
C GLY A 124 19.62 -21.87 -34.75
N MET A 125 18.76 -22.47 -33.97
CA MET A 125 18.48 -22.05 -32.58
C MET A 125 19.70 -22.13 -31.71
N ARG A 126 20.41 -23.25 -31.79
CA ARG A 126 21.70 -23.36 -31.05
C ARG A 126 22.69 -22.34 -31.53
N ALA A 127 22.78 -22.17 -32.85
CA ALA A 127 23.76 -21.25 -33.40
C ALA A 127 23.50 -19.82 -32.91
N ARG A 128 22.23 -19.43 -32.84
CA ARG A 128 21.86 -18.12 -32.36
C ARG A 128 21.78 -18.02 -30.84
N ASN A 129 22.03 -19.14 -30.16
CA ASN A 129 21.79 -19.39 -28.72
C ASN A 129 20.53 -18.75 -28.20
N TRP A 130 19.43 -19.04 -28.88
CA TRP A 130 18.11 -18.68 -28.38
C TRP A 130 17.10 -19.48 -29.19
N GLY A 131 16.16 -20.09 -28.51
CA GLY A 131 15.12 -20.76 -29.28
C GLY A 131 14.08 -21.31 -28.38
N ARG A 132 12.90 -21.53 -28.97
CA ARG A 132 11.77 -22.15 -28.28
C ARG A 132 11.11 -23.13 -29.25
N ILE A 133 10.99 -24.38 -28.79
CA ILE A 133 10.20 -25.35 -29.51
C ILE A 133 9.02 -25.69 -28.63
N ILE A 134 7.81 -25.48 -29.14
CA ILE A 134 6.60 -25.75 -28.39
C ILE A 134 5.75 -26.76 -29.15
N ASN A 135 5.52 -27.92 -28.56
CA ASN A 135 4.78 -29.00 -29.20
C ASN A 135 3.35 -29.01 -28.69
N ILE A 136 2.40 -28.84 -29.59
CA ILE A 136 1.00 -28.86 -29.16
C ILE A 136 0.61 -30.34 -29.15
N ALA A 137 0.60 -30.92 -27.95
CA ALA A 137 0.28 -32.35 -27.79
C ALA A 137 -1.22 -32.45 -27.49
N SER A 138 -1.63 -32.92 -26.31
CA SER A 138 -3.02 -33.20 -26.00
C SER A 138 -3.05 -33.80 -24.59
N VAL A 139 -4.19 -33.71 -23.94
CA VAL A 139 -4.46 -34.58 -22.75
C VAL A 139 -4.18 -36.04 -23.09
N HIS A 140 -4.38 -36.41 -24.37
CA HIS A 140 -4.10 -37.77 -24.85
C HIS A 140 -2.62 -38.12 -25.02
N GLY A 141 -1.72 -37.16 -24.73
CA GLY A 141 -0.30 -37.45 -24.52
C GLY A 141 0.05 -37.94 -23.09
N LEU A 142 -0.95 -37.87 -22.19
CA LEU A 142 -0.84 -38.22 -20.77
C LEU A 142 -1.84 -39.32 -20.31
N VAL A 143 -2.99 -39.46 -20.98
CA VAL A 143 -3.97 -40.52 -20.66
C VAL A 143 -4.57 -41.10 -21.94
N GLY A 144 -5.29 -42.23 -21.84
CA GLY A 144 -5.95 -42.80 -23.03
C GLY A 144 -7.46 -42.50 -23.00
N SER A 145 -8.11 -42.76 -24.14
CA SER A 145 -9.56 -42.84 -24.32
C SER A 145 -9.78 -44.03 -25.22
N THR A 146 -10.94 -44.66 -25.11
CA THR A 146 -11.35 -45.68 -26.07
C THR A 146 -11.42 -45.12 -27.50
N GLY A 147 -11.02 -45.96 -28.44
CA GLY A 147 -11.17 -45.68 -29.87
C GLY A 147 -10.08 -44.83 -30.45
N LYS A 148 -9.14 -44.39 -29.61
CA LYS A 148 -8.12 -43.45 -30.08
C LYS A 148 -6.68 -44.03 -30.05
N ALA A 149 -6.51 -45.33 -30.39
CA ALA A 149 -5.18 -45.96 -30.30
C ALA A 149 -4.01 -45.11 -30.89
N ALA A 150 -4.17 -44.73 -32.16
CA ALA A 150 -3.05 -44.08 -32.85
C ALA A 150 -2.77 -42.69 -32.31
N TYR A 151 -3.86 -41.97 -32.03
CA TYR A 151 -3.72 -40.57 -31.58
C TYR A 151 -3.08 -40.54 -30.20
N VAL A 152 -3.55 -41.40 -29.29
CA VAL A 152 -2.94 -41.49 -27.95
C VAL A 152 -1.50 -41.91 -28.03
N ALA A 153 -1.20 -42.93 -28.85
CA ALA A 153 0.21 -43.33 -29.02
C ALA A 153 1.06 -42.17 -29.52
N ALA A 154 0.59 -41.51 -30.60
CA ALA A 154 1.32 -40.42 -31.23
C ALA A 154 1.54 -39.27 -30.22
N LYS A 155 0.48 -38.86 -29.54
CA LYS A 155 0.58 -37.75 -28.56
C LYS A 155 1.48 -38.10 -27.33
N HIS A 156 1.37 -39.33 -26.84
CA HIS A 156 2.32 -39.79 -25.80
C HIS A 156 3.77 -39.74 -26.34
N GLY A 157 3.97 -40.18 -27.57
CA GLY A 157 5.29 -40.09 -28.21
C GLY A 157 5.85 -38.68 -28.23
N VAL A 158 4.98 -37.72 -28.51
CA VAL A 158 5.35 -36.30 -28.52
C VAL A 158 5.79 -35.81 -27.15
N VAL A 159 5.02 -36.19 -26.14
CA VAL A 159 5.42 -35.89 -24.75
C VAL A 159 6.81 -36.48 -24.41
N GLY A 160 7.05 -37.72 -24.79
CA GLY A 160 8.38 -38.32 -24.62
C GLY A 160 9.48 -37.60 -25.39
N LEU A 161 9.27 -37.38 -26.67
CA LEU A 161 10.23 -36.63 -27.52
C LEU A 161 10.56 -35.25 -26.92
N THR A 162 9.52 -34.54 -26.48
CA THR A 162 9.69 -33.25 -25.77
C THR A 162 10.68 -33.36 -24.61
N LYS A 163 10.51 -34.39 -23.78
CA LYS A 163 11.48 -34.59 -22.67
C LYS A 163 12.91 -34.76 -23.15
N VAL A 164 13.15 -35.63 -24.15
CA VAL A 164 14.52 -35.82 -24.66
C VAL A 164 15.08 -34.49 -25.18
N VAL A 165 14.28 -33.78 -25.97
CA VAL A 165 14.76 -32.49 -26.53
C VAL A 165 14.98 -31.45 -25.45
N GLY A 166 14.09 -31.40 -24.44
CA GLY A 166 14.28 -30.51 -23.28
C GLY A 166 15.61 -30.81 -22.59
N LEU A 167 15.95 -32.09 -22.45
CA LEU A 167 17.21 -32.50 -21.76
C LEU A 167 18.43 -32.18 -22.60
N GLU A 168 18.32 -32.46 -23.90
CA GLU A 168 19.46 -32.26 -24.83
C GLU A 168 19.82 -30.79 -24.92
N THR A 169 18.81 -29.93 -24.80
CA THR A 169 19.02 -28.48 -24.90
C THR A 169 19.12 -27.78 -23.55
N ALA A 170 19.14 -28.57 -22.47
CA ALA A 170 19.07 -27.96 -21.12
C ALA A 170 20.22 -26.98 -20.81
N THR A 171 21.45 -27.25 -21.29
CA THR A 171 22.56 -26.37 -20.97
C THR A 171 22.64 -25.15 -21.89
N SER A 172 21.63 -24.98 -22.74
CA SER A 172 21.63 -23.91 -23.73
C SER A 172 20.45 -23.00 -23.42
N ASN A 173 20.35 -21.91 -24.18
CA ASN A 173 19.19 -21.02 -24.10
C ASN A 173 18.01 -21.47 -24.96
N VAL A 174 18.09 -22.68 -25.50
CA VAL A 174 16.99 -23.25 -26.25
C VAL A 174 16.13 -24.12 -25.34
N THR A 175 14.81 -23.95 -25.34
CA THR A 175 13.96 -24.85 -24.54
C THR A 175 13.03 -25.59 -25.47
N CYS A 176 12.51 -26.74 -25.00
CA CYS A 176 11.47 -27.47 -25.70
C CYS A 176 10.47 -27.98 -24.68
N ASN A 177 9.17 -27.66 -24.89
CA ASN A 177 8.11 -28.04 -23.96
C ASN A 177 6.87 -28.45 -24.75
N ALA A 178 5.86 -28.99 -24.08
CA ALA A 178 4.63 -29.40 -24.74
C ALA A 178 3.51 -28.75 -23.98
N ILE A 179 2.46 -28.39 -24.70
CA ILE A 179 1.20 -27.99 -24.09
C ILE A 179 0.22 -29.08 -24.43
N CYS A 180 -0.58 -29.49 -23.46
CA CYS A 180 -1.49 -30.61 -23.61
C CYS A 180 -2.92 -30.14 -23.39
N PRO A 181 -3.58 -29.70 -24.48
CA PRO A 181 -4.95 -29.18 -24.34
C PRO A 181 -5.99 -30.31 -24.22
N GLY A 182 -7.05 -30.00 -23.49
CA GLY A 182 -8.27 -30.83 -23.50
C GLY A 182 -9.10 -30.42 -24.72
N TRP A 183 -10.41 -30.35 -24.54
CA TRP A 183 -11.30 -29.96 -25.62
C TRP A 183 -11.03 -28.51 -25.96
N VAL A 184 -10.80 -28.25 -27.25
CA VAL A 184 -10.54 -26.88 -27.71
C VAL A 184 -11.62 -26.51 -28.73
N LEU A 185 -12.08 -25.26 -28.69
CA LEU A 185 -13.01 -24.83 -29.71
C LEU A 185 -12.29 -24.61 -31.03
N THR A 186 -12.36 -25.63 -31.89
CA THR A 186 -11.75 -25.58 -33.24
C THR A 186 -12.86 -25.38 -34.27
N PRO A 187 -12.51 -25.06 -35.54
CA PRO A 187 -13.60 -24.96 -36.52
C PRO A 187 -14.43 -26.25 -36.66
N LEU A 188 -13.78 -27.42 -36.59
CA LEU A 188 -14.48 -28.71 -36.65
C LEU A 188 -15.46 -28.88 -35.47
N VAL A 189 -15.02 -28.49 -34.27
CA VAL A 189 -15.88 -28.66 -33.10
C VAL A 189 -17.03 -27.67 -33.23
N GLN A 190 -16.69 -26.45 -33.70
CA GLN A 190 -17.70 -25.42 -33.91
C GLN A 190 -18.73 -25.87 -34.95
N LYS A 191 -18.25 -26.54 -36.00
CA LYS A 191 -19.14 -27.16 -36.99
C LYS A 191 -20.12 -28.17 -36.37
N GLN A 192 -19.63 -29.02 -35.48
CA GLN A 192 -20.48 -30.00 -34.79
C GLN A 192 -21.60 -29.27 -34.05
N ILE A 193 -21.22 -28.26 -33.27
CA ILE A 193 -22.17 -27.38 -32.58
C ILE A 193 -23.13 -26.67 -33.55
N ASP A 194 -22.59 -26.04 -34.60
CA ASP A 194 -23.43 -25.34 -35.58
C ASP A 194 -24.44 -26.29 -36.23
N ASP A 195 -23.99 -27.52 -36.49
CA ASP A 195 -24.84 -28.56 -37.09
C ASP A 195 -26.01 -28.91 -36.17
N ARG A 196 -25.73 -28.96 -34.86
CA ARG A 196 -26.80 -29.10 -33.87
C ARG A 196 -27.80 -27.94 -33.90
N ALA A 197 -27.31 -26.70 -33.80
CA ALA A 197 -28.13 -25.47 -33.93
C ALA A 197 -28.95 -25.38 -35.25
N ALA A 198 -28.34 -25.75 -36.37
CA ALA A 198 -29.07 -25.79 -37.66
C ALA A 198 -30.27 -26.75 -37.64
N ASN A 199 -30.16 -27.82 -36.85
CA ASN A 199 -31.29 -28.75 -36.62
C ASN A 199 -32.32 -28.13 -35.64
N GLY A 200 -31.88 -27.09 -34.92
CA GLY A 200 -32.76 -26.37 -33.98
C GLY A 200 -32.35 -26.46 -32.52
N GLY A 201 -31.43 -27.36 -32.21
CA GLY A 201 -30.90 -27.52 -30.85
C GLY A 201 -30.11 -26.33 -30.32
N ASP A 202 -29.95 -26.29 -29.01
CA ASP A 202 -29.28 -25.16 -28.37
C ASP A 202 -27.74 -25.35 -28.40
N PRO A 203 -27.01 -24.34 -28.92
CA PRO A 203 -25.54 -24.42 -29.04
C PRO A 203 -24.82 -24.68 -27.72
N LEU A 204 -25.24 -24.04 -26.64
CA LEU A 204 -24.59 -24.27 -25.32
C LEU A 204 -24.86 -25.66 -24.80
N GLN A 205 -26.06 -26.16 -25.05
CA GLN A 205 -26.40 -27.53 -24.69
C GLN A 205 -25.53 -28.53 -25.44
N ALA A 206 -25.36 -28.33 -26.76
CA ALA A 206 -24.45 -29.15 -27.58
C ALA A 206 -23.01 -29.20 -27.02
N GLN A 207 -22.48 -28.03 -26.63
CA GLN A 207 -21.18 -27.94 -25.93
C GLN A 207 -21.16 -28.75 -24.62
N HIS A 208 -22.15 -28.54 -23.78
CA HIS A 208 -22.21 -29.26 -22.50
C HIS A 208 -22.29 -30.78 -22.79
N ASP A 209 -23.04 -31.18 -23.80
CA ASP A 209 -23.11 -32.61 -24.17
C ASP A 209 -21.76 -33.18 -24.62
N LEU A 210 -21.00 -32.40 -25.40
CA LEU A 210 -19.72 -32.86 -25.94
C LEU A 210 -18.66 -32.98 -24.81
N LEU A 211 -18.68 -32.03 -23.88
CA LEU A 211 -17.66 -31.92 -22.83
C LEU A 211 -17.92 -32.72 -21.55
N ALA A 212 -19.17 -33.09 -21.33
CA ALA A 212 -19.61 -33.66 -20.03
C ALA A 212 -18.76 -34.85 -19.56
N GLU A 213 -18.46 -35.75 -20.49
CA GLU A 213 -17.72 -36.97 -20.11
C GLU A 213 -16.29 -36.71 -19.59
N LYS A 214 -15.55 -35.80 -20.21
CA LYS A 214 -14.12 -35.74 -20.02
C LYS A 214 -13.58 -34.44 -19.37
N GLN A 215 -14.38 -33.37 -19.50
CA GLN A 215 -13.91 -32.02 -19.19
C GLN A 215 -14.82 -31.37 -18.15
N PRO A 216 -14.48 -31.56 -16.85
CA PRO A 216 -15.30 -31.07 -15.73
C PRO A 216 -15.80 -29.60 -15.84
N SER A 217 -15.01 -28.70 -16.41
CA SER A 217 -15.41 -27.28 -16.49
C SER A 217 -16.58 -27.05 -17.43
N LEU A 218 -16.81 -28.00 -18.32
CA LEU A 218 -17.86 -27.85 -19.37
C LEU A 218 -17.59 -26.62 -20.25
N ALA A 219 -16.37 -26.13 -20.22
CA ALA A 219 -16.00 -24.93 -20.96
C ALA A 219 -14.81 -25.23 -21.84
N PHE A 220 -14.81 -24.67 -23.05
CA PHE A 220 -13.67 -24.88 -23.97
C PHE A 220 -12.41 -24.12 -23.60
N VAL A 221 -11.29 -24.76 -23.88
CA VAL A 221 -10.02 -24.08 -24.08
C VAL A 221 -10.09 -23.40 -25.46
N THR A 222 -9.56 -22.20 -25.60
CA THR A 222 -9.60 -21.52 -26.89
C THR A 222 -8.22 -21.42 -27.53
N PRO A 223 -8.17 -21.31 -28.87
CA PRO A 223 -6.88 -21.02 -29.50
C PRO A 223 -6.23 -19.76 -28.92
N GLU A 224 -7.01 -18.74 -28.55
CA GLU A 224 -6.36 -17.56 -27.96
C GLU A 224 -5.64 -17.92 -26.64
N HIS A 225 -6.31 -18.72 -25.78
CA HIS A 225 -5.70 -19.17 -24.51
C HIS A 225 -4.35 -19.87 -24.78
N LEU A 226 -4.34 -20.76 -25.78
CA LEU A 226 -3.12 -21.51 -26.11
C LEU A 226 -2.03 -20.61 -26.66
N GLY A 227 -2.42 -19.65 -27.50
CA GLY A 227 -1.44 -18.66 -28.00
C GLY A 227 -0.80 -17.85 -26.87
N GLU A 228 -1.63 -17.45 -25.90
CA GLU A 228 -1.10 -16.73 -24.73
C GLU A 228 -0.11 -17.60 -23.92
N LEU A 229 -0.36 -18.89 -23.83
CA LEU A 229 0.58 -19.78 -23.15
C LEU A 229 1.87 -19.93 -23.94
N VAL A 230 1.75 -20.13 -25.25
CA VAL A 230 2.95 -20.13 -26.11
C VAL A 230 3.76 -18.86 -25.87
N LEU A 231 3.07 -17.72 -25.83
CA LEU A 231 3.72 -16.43 -25.62
C LEU A 231 4.48 -16.42 -24.27
N PHE A 232 3.84 -16.94 -23.22
CA PHE A 232 4.51 -17.08 -21.94
C PHE A 232 5.78 -17.95 -22.03
N LEU A 233 5.67 -19.08 -22.69
CA LEU A 233 6.82 -19.97 -22.80
C LEU A 233 7.96 -19.35 -23.58
N CYS A 234 7.66 -18.37 -24.45
CA CYS A 234 8.71 -17.67 -25.20
C CYS A 234 9.30 -16.50 -24.43
N SER A 235 8.75 -16.20 -23.24
CA SER A 235 9.22 -15.08 -22.45
C SER A 235 10.48 -15.46 -21.67
N GLU A 236 11.13 -14.48 -21.08
CA GLU A 236 12.25 -14.76 -20.19
C GLU A 236 11.87 -15.68 -19.02
N ALA A 237 10.62 -15.54 -18.55
CA ALA A 237 10.11 -16.41 -17.46
C ALA A 237 9.98 -17.87 -17.86
N GLY A 238 10.01 -18.14 -19.16
CA GLY A 238 9.98 -19.53 -19.61
C GLY A 238 11.37 -20.13 -19.74
N SER A 239 12.41 -19.38 -19.36
CA SER A 239 13.79 -19.81 -19.70
C SER A 239 14.22 -21.14 -19.04
N GLN A 240 13.66 -21.45 -17.87
CA GLN A 240 13.99 -22.72 -17.21
C GLN A 240 12.82 -23.69 -17.23
N VAL A 241 11.83 -23.43 -18.08
CA VAL A 241 10.79 -24.44 -18.35
C VAL A 241 11.36 -25.31 -19.47
N ARG A 242 11.63 -26.59 -19.17
CA ARG A 242 12.38 -27.46 -20.06
C ARG A 242 11.85 -28.89 -19.96
N GLY A 243 11.43 -29.40 -21.11
CA GLY A 243 10.91 -30.76 -21.22
C GLY A 243 9.61 -31.03 -20.47
N ALA A 244 8.84 -29.96 -20.25
CA ALA A 244 7.63 -29.99 -19.48
C ALA A 244 6.44 -30.34 -20.40
N ALA A 245 5.32 -30.76 -19.83
CA ALA A 245 4.12 -31.05 -20.62
C ALA A 245 2.96 -30.44 -19.82
N TRP A 246 2.61 -29.20 -20.12
CA TRP A 246 1.73 -28.47 -19.25
C TRP A 246 0.32 -28.59 -19.79
N ASN A 247 -0.60 -29.08 -18.96
CA ASN A 247 -1.98 -29.29 -19.41
C ASN A 247 -2.89 -28.11 -19.21
N VAL A 248 -3.71 -27.82 -20.23
CA VAL A 248 -4.70 -26.76 -20.18
C VAL A 248 -5.98 -27.48 -20.57
N ASP A 249 -6.81 -27.89 -19.60
CA ASP A 249 -7.77 -29.00 -19.92
C ASP A 249 -9.07 -28.99 -19.13
N GLY A 250 -9.40 -27.85 -18.52
CA GLY A 250 -10.67 -27.73 -17.77
C GLY A 250 -10.87 -28.83 -16.71
N GLY A 251 -9.78 -29.40 -16.21
CA GLY A 251 -9.83 -30.46 -15.17
C GLY A 251 -9.71 -31.90 -15.66
N TRP A 252 -9.53 -32.10 -16.98
CA TRP A 252 -9.48 -33.49 -17.54
C TRP A 252 -8.55 -34.42 -16.79
N LEU A 253 -7.30 -33.99 -16.58
CA LEU A 253 -6.29 -34.87 -16.00
C LEU A 253 -6.33 -34.90 -14.45
N ALA A 254 -7.03 -33.97 -13.83
CA ALA A 254 -7.08 -33.87 -12.34
C ALA A 254 -7.84 -35.07 -11.74
N GLN A 255 -8.71 -35.70 -12.55
CA GLN A 255 -9.49 -36.87 -12.13
C GLN A 255 -8.99 -38.12 -12.82
N THR B 1 -3.47 -4.16 -14.44
CA THR B 1 -3.74 -5.58 -14.94
C THR B 1 -4.30 -6.52 -13.84
N LEU B 2 -3.67 -6.53 -12.66
CA LEU B 2 -4.33 -7.01 -11.45
C LEU B 2 -4.89 -5.85 -10.64
N LYS B 3 -4.95 -4.68 -11.25
CA LYS B 3 -5.60 -3.55 -10.64
C LYS B 3 -7.03 -3.90 -10.21
N GLY B 4 -7.33 -3.63 -8.94
CA GLY B 4 -8.65 -3.95 -8.38
C GLY B 4 -8.72 -5.33 -7.74
N LYS B 5 -7.59 -6.03 -7.67
CA LYS B 5 -7.52 -7.35 -7.07
C LYS B 5 -6.63 -7.34 -5.83
N THR B 6 -6.89 -8.26 -4.93
CA THR B 6 -6.13 -8.38 -3.68
C THR B 6 -5.47 -9.76 -3.65
N ALA B 7 -4.15 -9.79 -3.51
CA ALA B 7 -3.47 -11.09 -3.43
C ALA B 7 -2.90 -11.27 -2.02
N LEU B 8 -3.03 -12.49 -1.50
CA LEU B 8 -2.38 -12.84 -0.23
C LEU B 8 -1.30 -13.85 -0.60
N VAL B 9 -0.07 -13.59 -0.16
CA VAL B 9 1.02 -14.57 -0.42
C VAL B 9 1.58 -14.98 0.93
N THR B 10 1.39 -16.23 1.32
CA THR B 10 1.94 -16.69 2.60
C THR B 10 3.47 -16.76 2.48
N GLY B 11 4.17 -16.52 3.59
CA GLY B 11 5.63 -16.63 3.58
C GLY B 11 6.26 -15.76 2.50
N SER B 12 5.93 -14.45 2.54
CA SER B 12 6.34 -13.53 1.46
C SER B 12 7.34 -12.51 1.97
N THR B 13 7.90 -12.78 3.15
CA THR B 13 8.90 -11.90 3.70
C THR B 13 10.30 -12.24 3.16
N SER B 14 10.44 -13.35 2.44
CA SER B 14 11.70 -13.62 1.75
C SER B 14 11.53 -14.63 0.62
N GLY B 15 12.63 -14.91 -0.07
CA GLY B 15 12.66 -15.91 -1.14
C GLY B 15 11.57 -15.85 -2.20
N ILE B 16 11.01 -17.00 -2.51
CA ILE B 16 10.04 -17.13 -3.58
C ILE B 16 8.79 -16.29 -3.33
N GLY B 17 8.24 -16.39 -2.12
CA GLY B 17 7.01 -15.66 -1.80
C GLY B 17 7.20 -14.16 -1.99
N LEU B 18 8.34 -13.64 -1.58
CA LEU B 18 8.59 -12.20 -1.80
C LEU B 18 8.72 -11.86 -3.30
N GLY B 19 9.44 -12.70 -4.04
CA GLY B 19 9.50 -12.59 -5.50
C GLY B 19 8.12 -12.59 -6.17
N ILE B 20 7.25 -13.49 -5.74
CA ILE B 20 5.89 -13.57 -6.31
C ILE B 20 5.10 -12.33 -5.97
N ALA B 21 5.11 -11.95 -4.70
CA ALA B 21 4.43 -10.76 -4.24
C ALA B 21 4.82 -9.51 -5.02
N GLN B 22 6.12 -9.36 -5.30
CA GLN B 22 6.67 -8.23 -6.08
C GLN B 22 6.06 -8.15 -7.48
N VAL B 23 5.93 -9.31 -8.12
CA VAL B 23 5.46 -9.34 -9.51
C VAL B 23 3.96 -9.01 -9.51
N LEU B 24 3.24 -9.53 -8.54
CA LEU B 24 1.79 -9.27 -8.44
C LEU B 24 1.52 -7.80 -8.12
N ALA B 25 2.35 -7.19 -7.26
CA ALA B 25 2.23 -5.76 -6.95
C ALA B 25 2.53 -4.95 -8.20
N ARG B 26 3.59 -5.36 -8.90
CA ARG B 26 3.98 -4.63 -10.12
C ARG B 26 2.82 -4.64 -11.12
N ALA B 27 2.09 -5.77 -11.15
CA ALA B 27 0.86 -5.95 -11.92
C ALA B 27 -0.36 -5.15 -11.43
N GLY B 28 -0.27 -4.59 -10.22
CA GLY B 28 -1.31 -3.70 -9.71
C GLY B 28 -2.15 -4.25 -8.55
N ALA B 29 -1.86 -5.46 -8.07
CA ALA B 29 -2.64 -6.04 -6.97
C ALA B 29 -2.22 -5.42 -5.65
N ASN B 30 -3.20 -5.17 -4.78
CA ASN B 30 -2.85 -4.90 -3.39
C ASN B 30 -2.45 -6.22 -2.76
N ILE B 31 -1.55 -6.15 -1.77
CA ILE B 31 -0.91 -7.36 -1.27
C ILE B 31 -1.08 -7.51 0.25
N VAL B 32 -1.45 -8.73 0.67
CA VAL B 32 -1.32 -9.10 2.10
C VAL B 32 -0.08 -9.96 2.18
N LEU B 33 0.94 -9.43 2.87
CA LEU B 33 2.19 -10.15 3.13
C LEU B 33 2.08 -10.98 4.41
N ASN B 34 2.98 -11.93 4.58
CA ASN B 34 2.97 -12.79 5.77
C ASN B 34 4.32 -13.45 5.93
N GLY B 35 4.68 -13.87 7.14
CA GLY B 35 5.96 -14.55 7.35
C GLY B 35 6.81 -13.84 8.38
N PHE B 36 7.87 -14.56 8.78
CA PHE B 36 8.68 -14.14 9.92
C PHE B 36 9.73 -13.10 9.53
N GLY B 37 10.34 -12.49 10.53
CA GLY B 37 11.32 -11.42 10.27
C GLY B 37 10.69 -10.05 10.16
N ASP B 38 11.54 -9.02 10.03
CA ASP B 38 11.10 -7.61 9.97
C ASP B 38 10.21 -7.46 8.73
N PRO B 39 8.95 -7.02 8.90
CA PRO B 39 8.20 -6.90 7.65
C PRO B 39 8.51 -5.63 6.82
N ALA B 40 9.10 -4.61 7.44
CA ALA B 40 9.32 -3.33 6.75
C ALA B 40 9.97 -3.42 5.35
N PRO B 41 11.05 -4.21 5.19
CA PRO B 41 11.72 -4.39 3.90
C PRO B 41 10.77 -4.95 2.84
N ALA B 42 9.98 -5.95 3.21
CA ALA B 42 9.04 -6.55 2.26
C ALA B 42 7.95 -5.53 1.91
N LEU B 43 7.45 -4.83 2.94
CA LEU B 43 6.44 -3.78 2.75
C LEU B 43 6.97 -2.73 1.76
N ALA B 44 8.22 -2.31 1.95
CA ALA B 44 8.81 -1.31 1.06
C ALA B 44 9.00 -1.87 -0.35
N GLU B 45 9.36 -3.14 -0.50
CA GLU B 45 9.53 -3.73 -1.84
C GLU B 45 8.22 -3.75 -2.62
N ILE B 46 7.12 -4.07 -1.93
CA ILE B 46 5.80 -4.09 -2.59
C ILE B 46 5.27 -2.69 -2.89
N ALA B 47 5.34 -1.78 -1.92
CA ALA B 47 4.71 -0.50 -2.05
C ALA B 47 5.45 0.42 -3.04
N ARG B 48 6.71 0.10 -3.37
CA ARG B 48 7.43 0.83 -4.44
C ARG B 48 6.66 0.74 -5.77
N HIS B 49 5.80 -0.27 -5.89
CA HIS B 49 5.00 -0.47 -7.10
C HIS B 49 3.70 0.30 -7.09
N GLY B 50 3.50 1.13 -6.06
CA GLY B 50 2.39 2.10 -6.07
C GLY B 50 1.08 1.37 -5.78
N VAL B 51 1.16 0.48 -4.81
CA VAL B 51 0.07 -0.38 -4.42
C VAL B 51 0.09 -0.37 -2.89
N LYS B 52 -1.03 -0.75 -2.26
CA LYS B 52 -1.13 -0.85 -0.80
C LYS B 52 -0.68 -2.26 -0.34
N ALA B 53 0.07 -2.34 0.76
CA ALA B 53 0.45 -3.63 1.33
C ALA B 53 0.28 -3.61 2.85
N VAL B 54 -0.10 -4.75 3.43
CA VAL B 54 -0.11 -4.90 4.89
C VAL B 54 0.62 -6.19 5.19
N HIS B 55 1.23 -6.30 6.35
CA HIS B 55 1.83 -7.58 6.71
C HIS B 55 1.05 -8.10 7.90
N HIS B 56 0.75 -9.38 7.89
CA HIS B 56 0.15 -10.01 9.06
C HIS B 56 1.09 -11.14 9.52
N PRO B 57 1.44 -11.14 10.81
CA PRO B 57 2.50 -12.08 11.22
C PRO B 57 2.07 -13.53 11.56
N ALA B 58 0.88 -13.95 11.13
CA ALA B 58 0.39 -15.31 11.44
C ALA B 58 1.43 -16.43 11.26
N ASP B 59 1.58 -17.25 12.31
CA ASP B 59 2.33 -18.49 12.23
C ASP B 59 1.33 -19.50 11.67
N LEU B 60 1.53 -19.92 10.42
CA LEU B 60 0.59 -20.84 9.77
C LEU B 60 0.56 -22.28 10.30
N SER B 61 1.38 -22.58 11.32
CA SER B 61 1.28 -23.78 12.19
C SER B 61 -0.04 -23.80 12.94
N ASP B 62 -0.57 -22.60 13.15
CA ASP B 62 -1.65 -22.42 14.10
C ASP B 62 -2.88 -21.98 13.35
N VAL B 63 -3.84 -22.88 13.29
CA VAL B 63 -5.07 -22.60 12.56
C VAL B 63 -5.81 -21.34 13.00
N ALA B 64 -5.84 -21.04 14.30
CA ALA B 64 -6.50 -19.82 14.74
C ALA B 64 -5.82 -18.58 14.14
N GLN B 65 -4.49 -18.61 14.06
CA GLN B 65 -3.76 -17.48 13.45
C GLN B 65 -4.03 -17.36 11.94
N ILE B 66 -4.13 -18.49 11.26
CA ILE B 66 -4.55 -18.48 9.85
C ILE B 66 -5.92 -17.78 9.73
N GLU B 67 -6.87 -18.16 10.58
CA GLU B 67 -8.17 -17.48 10.58
C GLU B 67 -8.12 -15.95 10.82
N ALA B 68 -7.28 -15.52 11.75
CA ALA B 68 -7.10 -14.09 11.98
C ALA B 68 -6.49 -13.42 10.75
N LEU B 69 -5.58 -14.13 10.06
CA LEU B 69 -4.94 -13.64 8.79
C LEU B 69 -5.98 -13.31 7.74
N PHE B 70 -6.84 -14.29 7.45
CA PHE B 70 -7.94 -14.08 6.52
C PHE B 70 -8.99 -13.06 6.97
N ALA B 71 -9.27 -12.94 8.27
CA ALA B 71 -10.22 -11.94 8.71
C ALA B 71 -9.66 -10.52 8.52
N LEU B 72 -8.36 -10.34 8.79
CA LEU B 72 -7.72 -9.06 8.49
C LEU B 72 -7.80 -8.70 6.99
N ALA B 73 -7.57 -9.68 6.13
CA ALA B 73 -7.60 -9.45 4.70
C ALA B 73 -8.99 -8.97 4.33
N GLU B 74 -9.99 -9.56 4.99
CA GLU B 74 -11.36 -9.18 4.74
C GLU B 74 -11.63 -7.76 5.20
N ARG B 75 -11.17 -7.39 6.40
CA ARG B 75 -11.40 -6.03 6.89
C ARG B 75 -10.57 -4.95 6.14
N GLU B 76 -9.33 -5.30 5.78
CA GLU B 76 -8.43 -4.36 5.10
C GLU B 76 -8.86 -4.10 3.67
N PHE B 77 -9.14 -5.17 2.93
CA PHE B 77 -9.26 -5.11 1.46
C PHE B 77 -10.55 -5.70 0.94
N GLY B 78 -11.38 -6.25 1.82
CA GLY B 78 -12.63 -6.83 1.34
C GLY B 78 -12.46 -8.25 0.83
N GLY B 79 -11.33 -8.87 1.14
CA GLY B 79 -11.16 -10.30 0.91
C GLY B 79 -10.05 -10.60 -0.06
N VAL B 80 -9.69 -11.87 -0.20
CA VAL B 80 -8.58 -12.28 -1.00
C VAL B 80 -9.09 -12.77 -2.38
N ASP B 81 -8.63 -12.13 -3.46
CA ASP B 81 -8.98 -12.61 -4.82
C ASP B 81 -7.98 -13.64 -5.34
N ILE B 82 -6.71 -13.49 -4.96
CA ILE B 82 -5.64 -14.40 -5.41
C ILE B 82 -4.86 -14.90 -4.18
N LEU B 83 -4.92 -16.21 -3.92
CA LEU B 83 -4.25 -16.74 -2.79
C LEU B 83 -3.04 -17.55 -3.28
N VAL B 84 -1.85 -17.18 -2.85
CA VAL B 84 -0.64 -17.98 -3.11
C VAL B 84 -0.20 -18.67 -1.81
N ASN B 85 -0.40 -19.99 -1.74
CA ASN B 85 0.02 -20.79 -0.60
C ASN B 85 1.48 -21.17 -0.81
N ASN B 86 2.36 -20.33 -0.27
CA ASN B 86 3.81 -20.43 -0.49
C ASN B 86 4.66 -20.85 0.70
N ALA B 87 4.32 -20.42 1.93
CA ALA B 87 5.17 -20.68 3.10
C ALA B 87 5.56 -22.15 3.20
N GLY B 88 6.83 -22.41 3.53
CA GLY B 88 7.26 -23.79 3.59
C GLY B 88 8.59 -23.89 4.28
N ILE B 89 8.84 -25.05 4.89
CA ILE B 89 10.11 -25.27 5.53
C ILE B 89 10.66 -26.61 5.11
N GLN B 90 11.94 -26.84 5.42
CA GLN B 90 12.62 -28.08 4.99
C GLN B 90 13.39 -28.68 6.16
N HIS B 91 13.49 -30.01 6.19
CA HIS B 91 14.40 -30.68 7.11
C HIS B 91 14.87 -31.98 6.43
N VAL B 92 16.20 -32.20 6.43
CA VAL B 92 16.79 -33.35 5.76
C VAL B 92 17.39 -34.34 6.77
N ALA B 93 16.87 -35.56 6.72
CA ALA B 93 17.32 -36.69 7.59
C ALA B 93 16.83 -37.99 7.04
N PRO B 94 17.56 -39.09 7.24
CA PRO B 94 16.96 -40.37 6.81
C PRO B 94 15.66 -40.58 7.56
N VAL B 95 14.73 -41.29 6.93
CA VAL B 95 13.39 -41.47 7.49
C VAL B 95 13.39 -42.04 8.90
N GLU B 96 14.30 -43.01 9.17
CA GLU B 96 14.28 -43.63 10.49
C GLU B 96 15.00 -42.80 11.59
N GLN B 97 15.59 -41.69 11.17
CA GLN B 97 16.23 -40.72 12.06
C GLN B 97 15.50 -39.36 11.99
N PHE B 98 14.33 -39.32 11.35
CA PHE B 98 13.64 -38.06 11.06
C PHE B 98 12.94 -37.58 12.34
N PRO B 99 13.27 -36.37 12.83
CA PRO B 99 12.69 -36.02 14.14
C PRO B 99 11.15 -36.00 14.07
N LEU B 100 10.50 -36.56 15.08
CA LEU B 100 9.04 -36.60 15.04
C LEU B 100 8.42 -35.20 14.99
N GLU B 101 8.99 -34.25 15.74
CA GLU B 101 8.51 -32.85 15.68
C GLU B 101 8.68 -32.22 14.31
N SER B 102 9.74 -32.61 13.57
CA SER B 102 9.93 -32.11 12.20
C SER B 102 8.92 -32.69 11.23
N TRP B 103 8.62 -33.98 11.36
CA TRP B 103 7.57 -34.57 10.51
C TRP B 103 6.29 -33.74 10.74
N ASP B 104 5.89 -33.55 12.01
CA ASP B 104 4.60 -32.90 12.35
C ASP B 104 4.59 -31.44 11.86
N LYS B 105 5.72 -30.74 12.04
CA LYS B 105 5.79 -29.32 11.65
C LYS B 105 5.75 -29.15 10.12
N ILE B 106 6.47 -30.02 9.41
CA ILE B 106 6.46 -29.97 7.93
C ILE B 106 5.08 -30.31 7.37
N ILE B 107 4.47 -31.38 7.87
CA ILE B 107 3.09 -31.70 7.47
C ILE B 107 2.14 -30.51 7.78
N ALA B 108 2.29 -29.92 8.97
CA ALA B 108 1.38 -28.83 9.38
C ALA B 108 1.51 -27.59 8.52
N LEU B 109 2.73 -27.23 8.17
CA LEU B 109 2.93 -26.00 7.38
C LEU B 109 2.88 -26.27 5.88
N ASN B 110 3.60 -27.29 5.43
CA ASN B 110 3.75 -27.52 4.01
C ASN B 110 2.51 -28.17 3.38
N LEU B 111 1.64 -28.75 4.20
CA LEU B 111 0.41 -29.36 3.67
C LEU B 111 -0.84 -28.80 4.33
N SER B 112 -0.97 -28.97 5.65
CA SER B 112 -2.24 -28.64 6.27
C SER B 112 -2.56 -27.15 6.14
N ALA B 113 -1.53 -26.29 6.22
CA ALA B 113 -1.79 -24.84 6.09
C ALA B 113 -2.31 -24.44 4.70
N VAL B 114 -1.94 -25.22 3.67
CA VAL B 114 -2.43 -25.00 2.32
C VAL B 114 -3.96 -25.29 2.30
N PHE B 115 -4.37 -26.40 2.93
CA PHE B 115 -5.78 -26.74 3.09
C PHE B 115 -6.53 -25.64 3.86
N HIS B 116 -5.97 -25.23 5.01
CA HIS B 116 -6.58 -24.11 5.78
C HIS B 116 -6.73 -22.80 5.03
N GLY B 117 -5.69 -22.36 4.32
CA GLY B 117 -5.78 -21.15 3.48
C GLY B 117 -6.89 -21.27 2.44
N THR B 118 -6.90 -22.41 1.76
CA THR B 118 -7.86 -22.75 0.71
C THR B 118 -9.30 -22.71 1.24
N ARG B 119 -9.53 -23.38 2.36
CA ARG B 119 -10.87 -23.42 2.93
C ARG B 119 -11.37 -22.02 3.35
N LEU B 120 -10.44 -21.18 3.80
CA LEU B 120 -10.79 -19.83 4.23
C LEU B 120 -11.02 -18.87 3.09
N ALA B 121 -10.34 -19.11 1.97
CA ALA B 121 -10.40 -18.16 0.85
C ALA B 121 -11.52 -18.53 -0.13
N LEU B 122 -11.84 -19.84 -0.23
CA LEU B 122 -12.70 -20.24 -1.35
C LEU B 122 -14.14 -19.64 -1.28
N PRO B 123 -14.76 -19.60 -0.09
CA PRO B 123 -16.12 -19.08 -0.07
C PRO B 123 -16.26 -17.68 -0.67
N GLY B 124 -15.36 -16.76 -0.33
CA GLY B 124 -15.43 -15.39 -0.86
C GLY B 124 -15.11 -15.29 -2.35
N MET B 125 -14.18 -16.11 -2.83
CA MET B 125 -13.89 -16.27 -4.27
C MET B 125 -15.13 -16.72 -5.05
N ARG B 126 -15.77 -17.79 -4.56
CA ARG B 126 -17.04 -18.22 -5.12
C ARG B 126 -18.10 -17.13 -5.11
N ALA B 127 -18.24 -16.47 -3.96
CA ALA B 127 -19.28 -15.48 -3.75
C ALA B 127 -19.08 -14.28 -4.64
N ARG B 128 -17.82 -13.95 -4.97
CA ARG B 128 -17.54 -12.81 -5.84
C ARG B 128 -17.27 -13.22 -7.28
N ASN B 129 -17.50 -14.49 -7.58
CA ASN B 129 -17.49 -14.94 -9.00
C ASN B 129 -16.12 -14.90 -9.67
N TRP B 130 -15.04 -15.02 -8.90
CA TRP B 130 -13.70 -15.05 -9.47
C TRP B 130 -12.69 -15.38 -8.38
N GLY B 131 -11.68 -16.17 -8.74
CA GLY B 131 -10.61 -16.41 -7.81
C GLY B 131 -9.49 -17.21 -8.42
N ARG B 132 -8.33 -17.16 -7.76
CA ARG B 132 -7.17 -17.96 -8.15
C ARG B 132 -6.55 -18.41 -6.85
N ILE B 133 -6.42 -19.74 -6.72
CA ILE B 133 -5.63 -20.35 -5.65
C ILE B 133 -4.38 -21.00 -6.30
N ILE B 134 -3.19 -20.53 -5.95
CA ILE B 134 -1.98 -21.10 -6.56
C ILE B 134 -1.13 -21.64 -5.43
N ASN B 135 -0.88 -22.95 -5.46
CA ASN B 135 -0.08 -23.61 -4.42
C ASN B 135 1.36 -23.75 -4.90
N ILE B 136 2.30 -23.29 -4.11
CA ILE B 136 3.71 -23.48 -4.47
C ILE B 136 4.12 -24.86 -3.93
N ALA B 137 4.10 -25.87 -4.81
CA ALA B 137 4.45 -27.21 -4.41
C ALA B 137 5.98 -27.35 -4.66
N SER B 138 6.40 -28.26 -5.55
CA SER B 138 7.83 -28.48 -5.79
C SER B 138 7.94 -29.60 -6.80
N VAL B 139 9.10 -29.75 -7.42
CA VAL B 139 9.41 -31.05 -8.09
C VAL B 139 9.18 -32.23 -7.15
N HIS B 140 9.35 -31.95 -5.85
CA HIS B 140 9.16 -32.98 -4.79
C HIS B 140 7.71 -33.29 -4.47
N GLY B 141 6.79 -32.65 -5.22
CA GLY B 141 5.38 -33.10 -5.25
C GLY B 141 5.12 -34.16 -6.29
N LEU B 142 6.14 -34.43 -7.10
CA LEU B 142 6.05 -35.35 -8.26
C LEU B 142 7.05 -36.48 -8.16
N VAL B 143 8.22 -36.19 -7.56
CA VAL B 143 9.24 -37.21 -7.32
C VAL B 143 9.81 -37.13 -5.92
N GLY B 144 10.61 -38.13 -5.52
CA GLY B 144 11.28 -38.11 -4.22
C GLY B 144 12.76 -37.70 -4.30
N SER B 145 13.34 -37.41 -3.14
CA SER B 145 14.81 -37.33 -2.97
C SER B 145 15.09 -38.01 -1.64
N THR B 146 16.31 -38.51 -1.46
CA THR B 146 16.69 -39.09 -0.18
C THR B 146 16.70 -38.02 0.93
N GLY B 147 16.31 -38.42 2.14
CA GLY B 147 16.34 -37.54 3.33
C GLY B 147 15.16 -36.55 3.44
N LYS B 148 14.24 -36.59 2.51
CA LYS B 148 13.19 -35.57 2.46
C LYS B 148 11.79 -36.21 2.68
N ALA B 149 11.71 -37.20 3.58
CA ALA B 149 10.43 -37.90 3.85
C ALA B 149 9.24 -36.95 4.05
N ALA B 150 9.32 -36.05 5.03
CA ALA B 150 8.13 -35.19 5.35
C ALA B 150 7.85 -34.22 4.24
N TYR B 151 8.91 -33.61 3.72
CA TYR B 151 8.74 -32.57 2.68
C TYR B 151 8.12 -33.16 1.40
N VAL B 152 8.69 -34.27 0.92
CA VAL B 152 8.11 -34.95 -0.27
C VAL B 152 6.67 -35.42 0.00
N ALA B 153 6.39 -36.01 1.17
CA ALA B 153 5.01 -36.36 1.48
C ALA B 153 4.08 -35.15 1.39
N ALA B 154 4.47 -34.08 2.08
CA ALA B 154 3.63 -32.86 2.11
C ALA B 154 3.38 -32.27 0.71
N LYS B 155 4.45 -32.17 -0.07
CA LYS B 155 4.39 -31.64 -1.45
C LYS B 155 3.57 -32.51 -2.41
N HIS B 156 3.71 -33.84 -2.34
CA HIS B 156 2.74 -34.73 -3.01
C HIS B 156 1.32 -34.49 -2.52
N GLY B 157 1.15 -34.34 -1.20
CA GLY B 157 -0.19 -33.99 -0.68
C GLY B 157 -0.77 -32.73 -1.32
N VAL B 158 0.06 -31.71 -1.44
CA VAL B 158 -0.35 -30.46 -2.06
C VAL B 158 -0.76 -30.65 -3.51
N VAL B 159 0.00 -31.45 -4.24
CA VAL B 159 -0.34 -31.72 -5.63
C VAL B 159 -1.71 -32.47 -5.71
N GLY B 160 -1.93 -33.44 -4.83
CA GLY B 160 -3.25 -34.11 -4.77
C GLY B 160 -4.37 -33.16 -4.34
N LEU B 161 -4.15 -32.40 -3.27
CA LEU B 161 -5.18 -31.42 -2.82
C LEU B 161 -5.60 -30.50 -3.99
N THR B 162 -4.59 -30.05 -4.74
CA THR B 162 -4.77 -29.15 -5.89
C THR B 162 -5.73 -29.74 -6.91
N LYS B 163 -5.58 -31.04 -7.18
CA LYS B 163 -6.52 -31.71 -8.10
C LYS B 163 -7.94 -31.69 -7.58
N VAL B 164 -8.15 -32.00 -6.30
CA VAL B 164 -9.51 -32.00 -5.72
C VAL B 164 -10.09 -30.62 -5.85
N VAL B 165 -9.33 -29.62 -5.43
CA VAL B 165 -9.90 -28.27 -5.42
C VAL B 165 -10.17 -27.78 -6.86
N GLY B 166 -9.21 -28.01 -7.75
CA GLY B 166 -9.44 -27.75 -9.21
C GLY B 166 -10.71 -28.40 -9.80
N LEU B 167 -10.99 -29.66 -9.45
CA LEU B 167 -12.26 -30.30 -9.86
C LEU B 167 -13.47 -29.66 -9.24
N GLU B 168 -13.41 -29.43 -7.94
CA GLU B 168 -14.53 -28.91 -7.19
C GLU B 168 -14.97 -27.52 -7.70
N THR B 169 -13.97 -26.76 -8.13
CA THR B 169 -14.23 -25.41 -8.63
C THR B 169 -14.35 -25.32 -10.14
N ALA B 170 -14.45 -26.47 -10.81
CA ALA B 170 -14.32 -26.45 -12.28
C ALA B 170 -15.49 -25.73 -12.97
N THR B 171 -16.68 -25.74 -12.38
CA THR B 171 -17.81 -25.04 -12.99
C THR B 171 -17.91 -23.57 -12.54
N SER B 172 -16.84 -23.03 -11.96
CA SER B 172 -16.84 -21.65 -11.50
C SER B 172 -15.73 -20.87 -12.18
N ASN B 173 -15.67 -19.55 -11.94
CA ASN B 173 -14.49 -18.77 -12.31
C ASN B 173 -13.32 -18.83 -11.34
N VAL B 174 -13.34 -19.80 -10.43
CA VAL B 174 -12.22 -19.96 -9.53
C VAL B 174 -11.38 -21.10 -10.05
N THR B 175 -10.06 -20.91 -10.11
CA THR B 175 -9.19 -22.05 -10.45
C THR B 175 -8.27 -22.34 -9.29
N CYS B 176 -7.77 -23.57 -9.22
CA CYS B 176 -6.76 -23.91 -8.27
C CYS B 176 -5.72 -24.78 -8.98
N ASN B 177 -4.46 -24.37 -8.88
CA ASN B 177 -3.35 -25.04 -9.57
C ASN B 177 -2.10 -25.01 -8.69
N ALA B 178 -1.13 -25.84 -9.03
CA ALA B 178 0.19 -25.86 -8.30
C ALA B 178 1.32 -25.52 -9.26
N ILE B 179 2.33 -24.80 -8.76
CA ILE B 179 3.54 -24.56 -9.52
C ILE B 179 4.59 -25.38 -8.82
N CYS B 180 5.37 -26.11 -9.62
CA CYS B 180 6.35 -27.05 -9.08
C CYS B 180 7.77 -26.65 -9.46
N PRO B 181 8.38 -25.79 -8.64
CA PRO B 181 9.74 -25.37 -8.98
C PRO B 181 10.80 -26.45 -8.68
N GLY B 182 11.87 -26.40 -9.47
CA GLY B 182 13.13 -27.05 -9.13
C GLY B 182 13.89 -26.06 -8.25
N TRP B 183 15.22 -26.20 -8.18
CA TRP B 183 16.04 -25.39 -7.31
C TRP B 183 15.97 -23.89 -7.63
N VAL B 184 15.74 -23.11 -6.59
CA VAL B 184 15.74 -21.65 -6.59
C VAL B 184 16.69 -21.23 -5.47
N LEU B 185 17.59 -20.28 -5.73
CA LEU B 185 18.58 -19.89 -4.71
C LEU B 185 17.98 -19.00 -3.62
N THR B 186 17.48 -19.62 -2.54
CA THR B 186 16.88 -18.94 -1.37
C THR B 186 17.61 -19.46 -0.11
N PRO B 187 17.36 -18.82 1.05
CA PRO B 187 17.87 -19.35 2.35
C PRO B 187 17.62 -20.85 2.58
N LEU B 188 16.47 -21.35 2.12
CA LEU B 188 16.12 -22.78 2.25
C LEU B 188 17.15 -23.67 1.52
N VAL B 189 17.52 -23.24 0.31
CA VAL B 189 18.50 -23.97 -0.47
C VAL B 189 19.92 -23.70 0.04
N GLN B 190 20.20 -22.45 0.42
CA GLN B 190 21.51 -22.12 1.00
C GLN B 190 21.95 -23.03 2.14
N LYS B 191 21.00 -23.43 2.98
CA LYS B 191 21.31 -24.27 4.12
C LYS B 191 21.81 -25.66 3.69
N GLN B 192 21.20 -26.15 2.61
CA GLN B 192 21.59 -27.42 2.00
C GLN B 192 22.96 -27.29 1.34
N ILE B 193 23.20 -26.13 0.72
CA ILE B 193 24.50 -25.86 0.13
C ILE B 193 25.60 -25.82 1.21
N ASP B 194 25.33 -25.06 2.28
CA ASP B 194 26.24 -25.01 3.44
C ASP B 194 26.54 -26.37 4.09
N ASP B 195 25.50 -27.21 4.27
CA ASP B 195 25.67 -28.50 4.95
C ASP B 195 26.49 -29.45 4.07
N ARG B 196 26.37 -29.27 2.76
CA ARG B 196 27.23 -29.97 1.80
C ARG B 196 28.68 -29.44 1.81
N ALA B 197 28.85 -28.11 1.90
CA ALA B 197 30.20 -27.51 1.96
C ALA B 197 31.01 -27.79 3.25
N ALA B 198 30.32 -28.09 4.36
CA ALA B 198 31.00 -28.30 5.65
C ALA B 198 32.09 -29.36 5.58
N GLY B 201 36.05 -27.30 1.90
CA GLY B 201 35.01 -27.42 0.88
C GLY B 201 34.59 -26.07 0.33
N ASP B 202 34.65 -25.91 -0.99
CA ASP B 202 34.36 -24.62 -1.63
C ASP B 202 32.84 -24.42 -1.75
N PRO B 203 32.28 -23.37 -1.13
CA PRO B 203 30.82 -23.18 -1.13
C PRO B 203 30.19 -23.08 -2.54
N LEU B 204 30.99 -22.57 -3.48
CA LEU B 204 30.50 -22.42 -4.85
C LEU B 204 30.53 -23.77 -5.57
N GLN B 205 31.50 -24.63 -5.22
CA GLN B 205 31.52 -26.01 -5.76
C GLN B 205 30.33 -26.79 -5.22
N ALA B 206 30.07 -26.66 -3.92
CA ALA B 206 28.86 -27.26 -3.30
C ALA B 206 27.60 -26.75 -3.99
N GLN B 207 27.57 -25.46 -4.31
CA GLN B 207 26.38 -24.91 -4.97
C GLN B 207 26.15 -25.54 -6.37
N HIS B 208 27.21 -25.61 -7.14
CA HIS B 208 27.16 -26.25 -8.44
C HIS B 208 26.78 -27.75 -8.36
N ASP B 209 27.41 -28.47 -7.44
CA ASP B 209 27.16 -29.92 -7.33
C ASP B 209 25.71 -30.19 -6.94
N LEU B 210 25.22 -29.40 -6.02
CA LEU B 210 23.83 -29.49 -5.60
C LEU B 210 22.85 -29.30 -6.80
N LEU B 211 23.10 -28.27 -7.60
CA LEU B 211 22.31 -28.03 -8.79
C LEU B 211 22.44 -29.17 -9.82
N ALA B 212 23.69 -29.54 -10.14
CA ALA B 212 23.98 -30.47 -11.22
C ALA B 212 23.41 -31.88 -11.01
N GLU B 213 23.36 -32.32 -9.75
CA GLU B 213 22.80 -33.63 -9.40
C GLU B 213 21.35 -33.81 -9.84
N LYS B 214 20.59 -32.71 -9.93
CA LYS B 214 19.14 -32.79 -10.09
C LYS B 214 18.61 -31.98 -11.25
N GLN B 215 19.33 -30.94 -11.64
CA GLN B 215 18.75 -29.90 -12.53
C GLN B 215 19.64 -29.74 -13.78
N PRO B 216 19.29 -30.46 -14.88
CA PRO B 216 20.12 -30.57 -16.10
C PRO B 216 20.56 -29.21 -16.68
N SER B 217 19.73 -28.17 -16.52
CA SER B 217 20.09 -26.86 -17.07
C SER B 217 21.29 -26.24 -16.38
N LEU B 218 21.68 -26.80 -15.24
CA LEU B 218 22.79 -26.22 -14.44
C LEU B 218 22.55 -24.74 -14.10
N ALA B 219 21.28 -24.37 -14.04
CA ALA B 219 20.89 -22.98 -13.75
C ALA B 219 19.74 -23.01 -12.76
N PHE B 220 19.78 -22.10 -11.77
CA PHE B 220 18.66 -21.95 -10.84
C PHE B 220 17.44 -21.27 -11.49
N VAL B 221 16.25 -21.61 -11.00
CA VAL B 221 15.00 -20.90 -11.33
C VAL B 221 14.94 -19.64 -10.45
N THR B 222 14.36 -18.56 -10.94
CA THR B 222 14.34 -17.33 -10.10
C THR B 222 12.93 -17.08 -9.55
N PRO B 223 12.85 -16.43 -8.35
CA PRO B 223 11.53 -16.04 -7.83
C PRO B 223 10.75 -15.19 -8.81
N GLU B 224 11.42 -14.28 -9.54
CA GLU B 224 10.71 -13.45 -10.55
C GLU B 224 10.01 -14.32 -11.63
N HIS B 225 10.71 -15.33 -12.15
CA HIS B 225 10.17 -16.27 -13.15
C HIS B 225 8.86 -16.88 -12.61
N LEU B 226 8.91 -17.29 -11.33
CA LEU B 226 7.77 -17.95 -10.71
C LEU B 226 6.61 -16.95 -10.55
N GLY B 227 6.93 -15.72 -10.12
CA GLY B 227 5.87 -14.67 -10.08
C GLY B 227 5.23 -14.39 -11.43
N GLU B 228 6.03 -14.38 -12.49
CA GLU B 228 5.46 -14.24 -13.85
C GLU B 228 4.49 -15.39 -14.24
N LEU B 229 4.81 -16.61 -13.83
CA LEU B 229 3.87 -17.73 -14.00
C LEU B 229 2.57 -17.57 -13.21
N VAL B 230 2.68 -17.17 -11.93
CA VAL B 230 1.48 -16.84 -11.15
C VAL B 230 0.64 -15.80 -11.89
N LEU B 231 1.31 -14.78 -12.42
CA LEU B 231 0.61 -13.73 -13.13
C LEU B 231 -0.10 -14.32 -14.34
N PHE B 232 0.59 -15.19 -15.08
CA PHE B 232 -0.08 -15.86 -16.20
C PHE B 232 -1.32 -16.66 -15.74
N LEU B 233 -1.17 -17.43 -14.67
CA LEU B 233 -2.30 -18.23 -14.19
C LEU B 233 -3.46 -17.38 -13.72
N CYS B 234 -3.18 -16.16 -13.30
CA CYS B 234 -4.23 -15.17 -12.98
C CYS B 234 -4.91 -14.52 -14.18
N SER B 235 -4.39 -14.75 -15.39
CA SER B 235 -4.98 -14.10 -16.58
C SER B 235 -6.17 -14.92 -17.09
N GLU B 236 -6.92 -14.33 -18.03
CA GLU B 236 -8.00 -15.03 -18.67
C GLU B 236 -7.53 -16.33 -19.37
N ALA B 237 -6.30 -16.34 -19.87
CA ALA B 237 -5.71 -17.54 -20.50
C ALA B 237 -5.50 -18.69 -19.53
N GLY B 238 -5.49 -18.37 -18.23
CA GLY B 238 -5.47 -19.36 -17.18
C GLY B 238 -6.84 -19.91 -16.80
N SER B 239 -7.90 -19.40 -17.44
CA SER B 239 -9.27 -19.70 -16.97
C SER B 239 -9.61 -21.20 -16.96
N GLN B 240 -9.05 -21.98 -17.87
CA GLN B 240 -9.34 -23.43 -17.94
C GLN B 240 -8.14 -24.28 -17.57
N VAL B 241 -7.12 -23.65 -16.98
CA VAL B 241 -6.05 -24.40 -16.30
C VAL B 241 -6.63 -24.71 -14.90
N ARG B 242 -6.88 -25.99 -14.61
CA ARG B 242 -7.61 -26.37 -13.40
C ARG B 242 -7.03 -27.68 -12.88
N GLY B 243 -6.62 -27.64 -11.61
CA GLY B 243 -6.10 -28.82 -10.93
C GLY B 243 -4.77 -29.32 -11.48
N ALA B 244 -4.01 -28.42 -12.10
CA ALA B 244 -2.76 -28.79 -12.77
C ALA B 244 -1.56 -28.53 -11.85
N ALA B 245 -0.50 -29.30 -12.06
CA ALA B 245 0.78 -29.10 -11.41
C ALA B 245 1.84 -28.84 -12.50
N TRP B 246 2.19 -27.57 -12.68
CA TRP B 246 3.06 -27.16 -13.78
C TRP B 246 4.46 -26.97 -13.22
N ASN B 247 5.37 -27.77 -13.73
CA ASN B 247 6.80 -27.66 -13.35
C ASN B 247 7.67 -26.61 -14.08
N VAL B 248 8.38 -25.82 -13.27
CA VAL B 248 9.45 -24.91 -13.77
C VAL B 248 10.73 -25.39 -13.10
N ASP B 249 11.53 -26.21 -13.79
CA ASP B 249 12.50 -27.02 -13.06
C ASP B 249 13.84 -27.32 -13.80
N GLY B 250 14.18 -26.58 -14.87
CA GLY B 250 15.46 -26.79 -15.55
C GLY B 250 15.66 -28.23 -16.04
N GLY B 251 14.55 -28.97 -16.21
CA GLY B 251 14.62 -30.33 -16.71
C GLY B 251 14.57 -31.44 -15.62
N TRP B 252 14.38 -31.04 -14.36
CA TRP B 252 14.40 -32.01 -13.26
C TRP B 252 13.47 -33.20 -13.53
N LEU B 253 12.21 -32.93 -13.87
CA LEU B 253 11.26 -34.03 -14.06
C LEU B 253 11.29 -34.70 -15.43
N ALA B 254 11.98 -34.11 -16.40
CA ALA B 254 12.07 -34.71 -17.75
C ALA B 254 12.92 -36.00 -17.80
N GLN B 255 13.77 -36.21 -16.78
CA GLN B 255 14.64 -37.40 -16.72
C GLN B 255 14.24 -38.26 -15.53
N THR C 1 1.96 7.38 27.07
CA THR C 1 2.27 8.79 26.66
C THR C 1 3.00 9.55 27.79
N LEU C 2 2.39 9.55 28.99
CA LEU C 2 2.78 10.45 30.08
C LEU C 2 2.93 9.73 31.42
N LYS C 3 3.06 8.41 31.38
CA LYS C 3 3.16 7.65 32.63
C LYS C 3 4.37 8.09 33.44
N GLY C 4 4.16 8.23 34.75
CA GLY C 4 5.22 8.73 35.62
C GLY C 4 5.03 10.20 35.93
N LYS C 5 4.59 10.98 34.93
CA LYS C 5 4.34 12.40 35.14
C LYS C 5 3.11 12.69 36.00
N THR C 6 3.09 13.90 36.54
CA THR C 6 2.04 14.38 37.41
C THR C 6 1.49 15.69 36.86
N ALA C 7 0.17 15.73 36.70
CA ALA C 7 -0.48 16.92 36.21
C ALA C 7 -1.38 17.52 37.27
N LEU C 8 -1.35 18.84 37.36
CA LEU C 8 -2.27 19.55 38.21
C LEU C 8 -3.20 20.32 37.29
N VAL C 9 -4.49 20.03 37.36
CA VAL C 9 -5.44 20.80 36.57
C VAL C 9 -6.34 21.58 37.51
N THR C 10 -6.25 22.90 37.51
CA THR C 10 -7.14 23.69 38.38
C THR C 10 -8.57 23.68 37.83
N GLY C 11 -9.54 23.77 38.73
CA GLY C 11 -10.96 23.75 38.38
C GLY C 11 -11.29 22.59 37.48
N SER C 12 -10.95 21.37 37.92
CA SER C 12 -11.13 20.16 37.10
C SER C 12 -12.22 19.27 37.66
N THR C 13 -13.13 19.87 38.43
CA THR C 13 -14.23 19.10 39.00
C THR C 13 -15.43 19.06 38.04
N SER C 14 -15.38 19.94 37.04
CA SER C 14 -16.43 20.06 36.03
C SER C 14 -15.91 20.70 34.72
N GLY C 15 -16.73 20.60 33.66
CA GLY C 15 -16.43 21.28 32.39
C GLY C 15 -15.10 20.97 31.73
N ILE C 16 -14.42 22.03 31.28
CA ILE C 16 -13.22 21.87 30.47
C ILE C 16 -12.08 21.21 31.27
N GLY C 17 -11.89 21.67 32.50
CA GLY C 17 -10.86 21.14 33.38
C GLY C 17 -11.00 19.64 33.59
N LEU C 18 -12.24 19.17 33.74
CA LEU C 18 -12.46 17.73 33.95
C LEU C 18 -12.10 16.94 32.70
N GLY C 19 -12.55 17.43 31.55
CA GLY C 19 -12.18 16.81 30.26
C GLY C 19 -10.68 16.70 30.04
N ILE C 20 -9.97 17.79 30.33
CA ILE C 20 -8.51 17.80 30.20
C ILE C 20 -7.84 16.78 31.14
N ALA C 21 -8.31 16.78 32.39
CA ALA C 21 -7.86 15.81 33.41
C ALA C 21 -8.02 14.37 32.93
N GLN C 22 -9.20 14.07 32.37
CA GLN C 22 -9.54 12.71 31.89
C GLN C 22 -8.59 12.22 30.79
N VAL C 23 -8.32 13.11 29.83
CA VAL C 23 -7.44 12.81 28.70
C VAL C 23 -6.01 12.60 29.22
N LEU C 24 -5.56 13.47 30.12
CA LEU C 24 -4.22 13.35 30.73
C LEU C 24 -4.08 12.07 31.48
N ALA C 25 -5.13 11.70 32.23
CA ALA C 25 -5.11 10.46 33.01
C ALA C 25 -4.97 9.25 32.10
N ARG C 26 -5.75 9.21 31.02
CA ARG C 26 -5.74 8.10 30.03
C ARG C 26 -4.34 7.89 29.45
N ALA C 27 -3.58 8.99 29.38
CA ALA C 27 -2.23 9.02 28.83
C ALA C 27 -1.21 8.59 29.87
N GLY C 28 -1.70 8.34 31.09
CA GLY C 28 -0.87 7.82 32.17
C GLY C 28 -0.37 8.80 33.23
N ALA C 29 -0.79 10.06 33.16
CA ALA C 29 -0.37 11.02 34.19
C ALA C 29 -1.17 10.84 35.49
N ASN C 30 -0.49 10.95 36.64
CA ASN C 30 -1.16 11.08 37.92
C ASN C 30 -1.79 12.46 37.92
N ILE C 31 -2.90 12.64 38.63
CA ILE C 31 -3.64 13.91 38.56
C ILE C 31 -3.91 14.48 39.93
N VAL C 32 -3.62 15.76 40.08
CA VAL C 32 -4.11 16.54 41.21
C VAL C 32 -5.28 17.33 40.67
N LEU C 33 -6.48 17.03 41.17
CA LEU C 33 -7.71 17.76 40.85
C LEU C 33 -7.92 18.88 41.83
N ASN C 34 -8.78 19.82 41.46
CA ASN C 34 -9.03 21.05 42.22
C ASN C 34 -10.39 21.56 41.78
N GLY C 35 -11.09 22.31 42.64
CA GLY C 35 -12.36 22.91 42.23
C GLY C 35 -13.46 22.67 43.23
N PHE C 36 -14.55 23.43 43.10
CA PHE C 36 -15.68 23.39 44.00
C PHE C 36 -16.68 22.31 43.64
N GLY C 37 -17.63 22.05 44.54
CA GLY C 37 -18.57 20.95 44.38
C GLY C 37 -17.98 19.57 44.68
N ASP C 38 -18.75 18.54 44.40
CA ASP C 38 -18.40 17.16 44.73
C ASP C 38 -17.36 16.59 43.75
N PRO C 39 -16.19 16.15 44.27
CA PRO C 39 -15.12 15.67 43.40
C PRO C 39 -15.19 14.19 43.06
N ALA C 40 -16.07 13.47 43.77
CA ALA C 40 -16.25 12.04 43.54
C ALA C 40 -16.42 11.64 42.07
N PRO C 41 -17.28 12.36 41.30
CA PRO C 41 -17.37 12.10 39.86
C PRO C 41 -16.04 12.24 39.13
N ALA C 42 -15.31 13.32 39.41
CA ALA C 42 -13.96 13.52 38.87
C ALA C 42 -13.04 12.34 39.23
N LEU C 43 -12.92 12.05 40.53
CA LEU C 43 -11.97 11.05 41.04
C LEU C 43 -12.16 9.62 40.52
N ALA C 44 -13.42 9.21 40.37
CA ALA C 44 -13.76 7.88 39.86
C ALA C 44 -13.50 7.77 38.36
N GLU C 45 -13.72 8.86 37.63
CA GLU C 45 -13.45 8.91 36.20
C GLU C 45 -11.96 8.75 35.90
N ILE C 46 -11.11 9.46 36.64
CA ILE C 46 -9.66 9.38 36.40
C ILE C 46 -8.97 8.20 37.10
N ALA C 47 -9.54 7.73 38.20
CA ALA C 47 -8.99 6.55 38.88
C ALA C 47 -9.01 5.29 37.99
N ARG C 48 -9.93 5.27 37.03
CA ARG C 48 -10.07 4.18 36.03
C ARG C 48 -8.74 3.73 35.41
N HIS C 49 -7.90 4.70 35.10
CA HIS C 49 -6.73 4.48 34.24
C HIS C 49 -5.53 3.91 34.99
N GLY C 50 -5.78 3.26 36.14
CA GLY C 50 -4.71 2.71 36.98
C GLY C 50 -3.76 3.79 37.46
N VAL C 51 -4.26 5.03 37.47
CA VAL C 51 -3.47 6.18 37.82
C VAL C 51 -3.92 6.72 39.17
N LYS C 52 -3.01 7.41 39.87
CA LYS C 52 -3.33 7.98 41.18
C LYS C 52 -3.99 9.34 41.00
N ALA C 53 -5.03 9.60 41.80
CA ALA C 53 -5.68 10.92 41.76
C ALA C 53 -6.05 11.43 43.14
N VAL C 54 -5.85 12.72 43.34
CA VAL C 54 -6.21 13.33 44.61
C VAL C 54 -6.91 14.64 44.28
N HIS C 55 -7.76 15.13 45.17
CA HIS C 55 -8.40 16.44 44.96
C HIS C 55 -8.13 17.35 46.14
N HIS C 56 -8.03 18.65 45.89
CA HIS C 56 -7.97 19.66 46.97
C HIS C 56 -8.96 20.76 46.59
N PRO C 57 -9.82 21.18 47.55
CA PRO C 57 -10.85 22.24 47.38
C PRO C 57 -10.37 23.71 47.26
N ALA C 58 -9.07 23.96 47.22
CA ALA C 58 -8.53 25.33 47.25
C ALA C 58 -9.27 26.36 46.43
N ASP C 59 -9.58 27.48 47.08
CA ASP C 59 -10.12 28.64 46.43
C ASP C 59 -8.91 29.40 45.91
N LEU C 60 -8.76 29.46 44.58
CA LEU C 60 -7.54 30.00 44.00
C LEU C 60 -7.55 31.54 43.93
N SER C 61 -8.63 32.17 44.39
CA SER C 61 -8.58 33.62 44.68
C SER C 61 -7.83 33.94 46.00
N ASP C 62 -7.50 32.89 46.76
CA ASP C 62 -6.73 32.99 48.00
C ASP C 62 -5.32 32.44 47.77
N VAL C 63 -4.33 33.32 47.79
CA VAL C 63 -2.92 32.92 47.54
C VAL C 63 -2.41 31.87 48.53
N ALA C 64 -2.91 31.90 49.78
CA ALA C 64 -2.54 30.91 50.78
C ALA C 64 -3.03 29.53 50.37
N GLN C 65 -4.25 29.50 49.81
CA GLN C 65 -4.89 28.24 49.37
C GLN C 65 -4.24 27.64 48.14
N ILE C 66 -3.84 28.48 47.19
CA ILE C 66 -3.01 28.04 46.05
C ILE C 66 -1.70 27.39 46.54
N GLU C 67 -1.00 28.07 47.45
CA GLU C 67 0.23 27.50 48.00
C GLU C 67 -0.02 26.13 48.66
N ALA C 68 -1.16 25.99 49.35
CA ALA C 68 -1.53 24.74 50.04
C ALA C 68 -1.88 23.65 49.04
N LEU C 69 -2.51 24.05 47.93
CA LEU C 69 -2.78 23.15 46.84
C LEU C 69 -1.48 22.61 46.24
N PHE C 70 -0.52 23.51 45.98
CA PHE C 70 0.78 23.07 45.47
C PHE C 70 1.54 22.22 46.47
N ALA C 71 1.46 22.57 47.74
CA ALA C 71 2.05 21.77 48.82
C ALA C 71 1.50 20.33 48.83
N LEU C 72 0.18 20.18 48.62
CA LEU C 72 -0.44 18.84 48.54
C LEU C 72 0.11 18.04 47.35
N ALA C 73 0.17 18.69 46.18
CA ALA C 73 0.77 18.09 44.99
C ALA C 73 2.22 17.62 45.26
N GLU C 74 2.98 18.50 45.93
CA GLU C 74 4.35 18.21 46.34
C GLU C 74 4.43 16.95 47.21
N ARG C 75 3.53 16.84 48.19
CA ARG C 75 3.56 15.71 49.13
C ARG C 75 3.05 14.41 48.49
N GLU C 76 1.97 14.49 47.72
CA GLU C 76 1.34 13.31 47.12
C GLU C 76 2.15 12.69 45.98
N PHE C 77 2.68 13.55 45.12
CA PHE C 77 3.28 13.09 43.88
C PHE C 77 4.71 13.62 43.66
N GLY C 78 5.23 14.41 44.60
CA GLY C 78 6.60 14.93 44.49
C GLY C 78 6.87 16.05 43.49
N GLY C 79 5.82 16.73 43.03
CA GLY C 79 5.97 17.89 42.16
C GLY C 79 5.14 17.84 40.89
N VAL C 80 4.74 19.01 40.41
CA VAL C 80 3.91 19.14 39.22
C VAL C 80 4.79 19.22 37.96
N ASP C 81 4.58 18.27 37.04
CA ASP C 81 5.32 18.27 35.76
C ASP C 81 4.51 19.05 34.72
N ILE C 82 3.18 18.91 34.78
CA ILE C 82 2.23 19.57 33.86
C ILE C 82 1.24 20.37 34.71
N LEU C 83 1.22 21.69 34.50
CA LEU C 83 0.27 22.56 35.18
C LEU C 83 -0.70 23.05 34.13
N VAL C 84 -1.98 22.73 34.30
CA VAL C 84 -3.03 23.35 33.49
C VAL C 84 -3.77 24.36 34.35
N ASN C 85 -3.52 25.65 34.12
CA ASN C 85 -4.28 26.75 34.77
C ASN C 85 -5.61 27.00 34.05
N ASN C 86 -6.66 26.39 34.61
CA ASN C 86 -7.96 26.33 33.97
C ASN C 86 -9.09 27.03 34.72
N ALA C 87 -9.04 27.06 36.06
CA ALA C 87 -10.17 27.60 36.85
C ALA C 87 -10.59 29.00 36.38
N GLY C 88 -11.89 29.22 36.27
CA GLY C 88 -12.34 30.53 35.84
C GLY C 88 -13.79 30.79 36.10
N ILE C 89 -14.14 32.07 36.11
CA ILE C 89 -15.54 32.48 36.33
C ILE C 89 -15.92 33.62 35.39
N GLN C 90 -17.22 33.89 35.30
CA GLN C 90 -17.76 34.86 34.34
C GLN C 90 -18.79 35.71 35.06
N HIS C 91 -18.83 36.98 34.66
CA HIS C 91 -19.91 37.86 35.06
C HIS C 91 -20.14 38.86 33.96
N VAL C 92 -21.40 38.95 33.50
CA VAL C 92 -21.71 39.79 32.33
C VAL C 92 -22.52 41.02 32.76
N ALA C 93 -21.94 42.20 32.54
CA ALA C 93 -22.59 43.47 32.88
C ALA C 93 -21.86 44.59 32.14
N PRO C 94 -22.57 45.68 31.78
CA PRO C 94 -21.90 46.83 31.13
C PRO C 94 -20.82 47.36 32.04
N VAL C 95 -19.73 47.90 31.47
CA VAL C 95 -18.56 48.33 32.26
C VAL C 95 -18.89 49.27 33.43
N GLU C 96 -19.78 50.23 33.20
CA GLU C 96 -20.15 51.18 34.26
C GLU C 96 -21.17 50.62 35.27
N GLN C 97 -21.65 49.40 35.02
CA GLN C 97 -22.60 48.71 35.89
C GLN C 97 -21.91 47.48 36.53
N PHE C 98 -20.63 47.31 36.25
CA PHE C 98 -19.97 46.06 36.58
C PHE C 98 -19.63 46.04 38.08
N PRO C 99 -20.13 45.01 38.84
CA PRO C 99 -19.93 45.12 40.31
C PRO C 99 -18.43 45.09 40.62
N LEU C 100 -17.98 45.98 41.50
CA LEU C 100 -16.54 46.10 41.78
C LEU C 100 -15.98 44.80 42.35
N GLU C 101 -16.77 44.09 43.15
CA GLU C 101 -16.27 42.86 43.75
C GLU C 101 -16.09 41.80 42.67
N SER C 102 -16.95 41.87 41.64
CA SER C 102 -16.86 40.97 40.51
C SER C 102 -15.63 41.29 39.63
N TRP C 103 -15.30 42.57 39.46
CA TRP C 103 -14.02 42.90 38.78
C TRP C 103 -12.86 42.20 39.51
N ASP C 104 -12.80 42.42 40.83
CA ASP C 104 -11.72 41.90 41.65
C ASP C 104 -11.67 40.37 41.67
N LYS C 105 -12.82 39.73 41.79
CA LYS C 105 -12.87 38.25 41.79
C LYS C 105 -12.39 37.64 40.48
N ILE C 106 -12.85 38.19 39.36
CA ILE C 106 -12.41 37.73 38.04
C ILE C 106 -10.91 37.95 37.78
N ILE C 107 -10.40 39.12 38.14
CA ILE C 107 -8.95 39.35 38.00
C ILE C 107 -8.17 38.35 38.89
N ALA C 108 -8.63 38.16 40.12
CA ALA C 108 -7.93 37.28 41.09
C ALA C 108 -7.83 35.82 40.58
N LEU C 109 -8.95 35.28 40.11
CA LEU C 109 -9.02 33.88 39.65
C LEU C 109 -8.51 33.71 38.23
N ASN C 110 -9.06 34.53 37.33
CA ASN C 110 -8.85 34.34 35.91
C ASN C 110 -7.47 34.84 35.49
N LEU C 111 -6.86 35.73 36.28
CA LEU C 111 -5.51 36.20 35.95
C LEU C 111 -4.45 35.91 37.04
N SER C 112 -4.60 36.51 38.22
CA SER C 112 -3.56 36.38 39.23
C SER C 112 -3.29 34.92 39.62
N ALA C 113 -4.33 34.08 39.70
CA ALA C 113 -4.09 32.68 40.08
C ALA C 113 -3.13 32.01 39.09
N VAL C 114 -3.15 32.47 37.83
CA VAL C 114 -2.29 31.92 36.81
C VAL C 114 -0.81 32.28 37.11
N PHE C 115 -0.55 33.53 37.50
CA PHE C 115 0.79 33.94 37.93
C PHE C 115 1.22 33.14 39.13
N HIS C 116 0.31 32.97 40.12
CA HIS C 116 0.67 32.24 41.32
C HIS C 116 0.96 30.73 41.07
N GLY C 117 0.11 30.06 40.30
CA GLY C 117 0.39 28.67 39.91
C GLY C 117 1.72 28.56 39.18
N THR C 118 1.95 29.46 38.23
CA THR C 118 3.23 29.48 37.47
C THR C 118 4.47 29.64 38.37
N ARG C 119 4.46 30.66 39.22
CA ARG C 119 5.64 30.89 40.07
C ARG C 119 5.90 29.73 41.03
N LEU C 120 4.86 28.99 41.39
CA LEU C 120 4.98 27.90 42.36
C LEU C 120 5.47 26.60 41.68
N ALA C 121 5.10 26.44 40.41
CA ALA C 121 5.42 25.23 39.65
C ALA C 121 6.76 25.30 38.91
N LEU C 122 7.13 26.49 38.47
CA LEU C 122 8.31 26.64 37.61
C LEU C 122 9.63 26.16 38.21
N PRO C 123 9.93 26.55 39.47
CA PRO C 123 11.25 26.15 40.00
C PRO C 123 11.46 24.62 39.95
N GLY C 124 10.43 23.84 40.29
CA GLY C 124 10.54 22.37 40.23
C GLY C 124 10.64 21.81 38.83
N MET C 125 9.95 22.43 37.87
CA MET C 125 10.05 21.98 36.47
C MET C 125 11.45 22.26 35.93
N ARG C 126 11.94 23.46 36.21
CA ARG C 126 13.33 23.83 35.88
C ARG C 126 14.36 22.86 36.50
N ALA C 127 14.15 22.49 37.76
CA ALA C 127 15.08 21.58 38.46
C ALA C 127 15.10 20.17 37.85
N ARG C 128 13.92 19.70 37.43
CA ARG C 128 13.77 18.39 36.78
C ARG C 128 14.07 18.43 35.29
N ASN C 129 14.29 19.61 34.72
CA ASN C 129 14.57 19.78 33.28
C ASN C 129 13.46 19.33 32.34
N TRP C 130 12.23 19.48 32.81
CA TRP C 130 11.07 19.18 32.02
C TRP C 130 9.85 19.81 32.66
N GLY C 131 9.01 20.43 31.83
CA GLY C 131 7.72 20.93 32.32
C GLY C 131 6.82 21.40 31.20
N ARG C 132 5.51 21.45 31.48
CA ARG C 132 4.55 22.07 30.58
C ARG C 132 3.61 22.88 31.45
N ILE C 133 3.46 24.16 31.12
CA ILE C 133 2.41 25.00 31.72
C ILE C 133 1.46 25.41 30.62
N ILE C 134 0.20 25.01 30.79
CA ILE C 134 -0.83 25.29 29.79
C ILE C 134 -1.95 26.08 30.44
N ASN C 135 -2.15 27.29 29.93
CA ASN C 135 -3.13 28.22 30.42
C ASN C 135 -4.39 28.13 29.56
N ILE C 136 -5.54 27.94 30.18
CA ILE C 136 -6.76 27.90 29.40
C ILE C 136 -7.29 29.30 29.37
N ALA C 137 -7.03 30.00 28.24
CA ALA C 137 -7.45 31.39 28.11
C ALA C 137 -8.86 31.37 27.49
N SER C 138 -9.00 31.98 26.31
CA SER C 138 -10.29 32.09 25.62
C SER C 138 -10.05 32.89 24.34
N VAL C 139 -10.99 32.84 23.42
CA VAL C 139 -11.06 33.76 22.30
C VAL C 139 -11.07 35.17 22.87
N HIS C 140 -11.62 35.30 24.09
CA HIS C 140 -11.67 36.59 24.79
C HIS C 140 -10.34 37.05 25.37
N GLY C 141 -9.29 36.25 25.15
CA GLY C 141 -7.91 36.74 25.32
C GLY C 141 -7.33 37.41 24.08
N LEU C 142 -8.08 37.37 23.00
CA LEU C 142 -7.62 37.89 21.72
C LEU C 142 -8.56 38.96 21.15
N VAL C 143 -9.85 38.88 21.54
CA VAL C 143 -10.88 39.85 21.12
C VAL C 143 -11.84 40.12 22.28
N GLY C 144 -12.68 41.15 22.13
CA GLY C 144 -13.61 41.53 23.19
C GLY C 144 -15.01 41.07 22.82
N SER C 145 -15.93 41.11 23.79
CA SER C 145 -17.38 41.08 23.53
C SER C 145 -17.95 42.08 24.54
N THR C 146 -19.16 42.57 24.28
CA THR C 146 -19.84 43.47 25.19
C THR C 146 -20.18 42.76 26.50
N GLY C 147 -20.17 43.52 27.59
CA GLY C 147 -20.57 42.99 28.90
C GLY C 147 -19.48 42.20 29.61
N LYS C 148 -18.32 41.99 28.96
CA LYS C 148 -17.31 41.10 29.52
C LYS C 148 -15.99 41.78 29.93
N ALA C 149 -16.09 43.00 30.46
CA ALA C 149 -14.91 43.82 30.78
C ALA C 149 -13.85 43.06 31.55
N ALA C 150 -14.24 42.50 32.70
CA ALA C 150 -13.25 41.88 33.59
C ALA C 150 -12.67 40.62 32.99
N TYR C 151 -13.55 39.86 32.34
CA TYR C 151 -13.15 38.57 31.79
C TYR C 151 -12.20 38.71 30.62
N VAL C 152 -12.54 39.63 29.72
CA VAL C 152 -11.68 39.96 28.57
C VAL C 152 -10.36 40.55 29.05
N ALA C 153 -10.40 41.46 30.04
CA ALA C 153 -9.15 41.99 30.57
C ALA C 153 -8.27 40.83 31.09
N ALA C 154 -8.86 39.98 31.93
CA ALA C 154 -8.16 38.86 32.53
C ALA C 154 -7.56 37.88 31.50
N LYS C 155 -8.36 37.50 30.51
CA LYS C 155 -7.94 36.54 29.49
C LYS C 155 -6.86 37.10 28.58
N HIS C 156 -6.99 38.37 28.20
CA HIS C 156 -5.86 39.04 27.53
C HIS C 156 -4.63 39.02 28.40
N GLY C 157 -4.80 39.27 29.72
CA GLY C 157 -3.67 39.27 30.66
C GLY C 157 -2.98 37.92 30.67
N VAL C 158 -3.77 36.84 30.62
CA VAL C 158 -3.24 35.48 30.59
C VAL C 158 -2.41 35.23 29.32
N VAL C 159 -2.95 35.65 28.17
CA VAL C 159 -2.24 35.51 26.92
C VAL C 159 -0.89 36.25 26.96
N GLY C 160 -0.88 37.45 27.50
CA GLY C 160 0.39 38.20 27.69
C GLY C 160 1.33 37.53 28.71
N LEU C 161 0.79 37.10 29.84
CA LEU C 161 1.61 36.37 30.83
C LEU C 161 2.26 35.12 30.20
N THR C 162 1.47 34.39 29.43
CA THR C 162 1.91 33.21 28.68
C THR C 162 3.13 33.51 27.81
N LYS C 163 3.12 34.62 27.09
CA LYS C 163 4.28 35.05 26.28
C LYS C 163 5.54 35.27 27.13
N VAL C 164 5.39 36.04 28.20
CA VAL C 164 6.53 36.29 29.11
C VAL C 164 7.14 34.96 29.63
N VAL C 165 6.27 34.06 30.10
CA VAL C 165 6.75 32.82 30.71
C VAL C 165 7.39 31.98 29.61
N GLY C 166 6.75 31.97 28.44
CA GLY C 166 7.27 31.20 27.32
C GLY C 166 8.65 31.65 26.88
N LEU C 167 8.87 32.96 26.95
CA LEU C 167 10.20 33.55 26.67
C LEU C 167 11.23 33.22 27.73
N GLU C 168 10.83 33.36 29.00
CA GLU C 168 11.74 33.15 30.12
C GLU C 168 12.24 31.71 30.19
N THR C 169 11.41 30.78 29.73
CA THR C 169 11.73 29.36 29.78
C THR C 169 12.20 28.82 28.42
N ALA C 170 12.40 29.71 27.44
CA ALA C 170 12.64 29.27 26.05
C ALA C 170 13.89 28.40 25.85
N THR C 171 14.94 28.69 26.61
CA THR C 171 16.17 27.90 26.53
C THR C 171 16.17 26.61 27.38
N SER C 172 15.02 26.30 27.97
CA SER C 172 14.87 25.14 28.84
C SER C 172 13.94 24.13 28.20
N ASN C 173 13.83 22.95 28.83
CA ASN C 173 12.78 21.96 28.46
C ASN C 173 11.40 22.18 29.07
N VAL C 174 11.17 23.37 29.61
CA VAL C 174 9.85 23.80 30.05
C VAL C 174 9.25 24.71 28.98
N THR C 175 8.01 24.40 28.58
CA THR C 175 7.24 25.31 27.72
C THR C 175 6.08 25.93 28.48
N CYS C 176 5.64 27.12 28.04
CA CYS C 176 4.38 27.69 28.51
C CYS C 176 3.57 28.20 27.32
N ASN C 177 2.31 27.75 27.23
CA ASN C 177 1.43 28.12 26.11
C ASN C 177 0.00 28.31 26.62
N ALA C 178 -0.83 29.01 25.83
CA ALA C 178 -2.26 29.14 26.13
C ALA C 178 -3.12 28.46 25.07
N ILE C 179 -4.28 27.96 25.51
CA ILE C 179 -5.26 27.47 24.56
C ILE C 179 -6.42 28.43 24.66
N CYS C 180 -6.92 28.87 23.50
CA CYS C 180 -8.01 29.85 23.44
C CYS C 180 -9.30 29.24 22.86
N PRO C 181 -10.16 28.64 23.71
CA PRO C 181 -11.42 28.10 23.19
C PRO C 181 -12.47 29.15 22.85
N GLY C 182 -13.26 28.87 21.83
CA GLY C 182 -14.57 29.48 21.65
C GLY C 182 -15.59 28.79 22.56
N TRP C 183 -16.87 28.82 22.17
CA TRP C 183 -17.91 28.30 23.00
C TRP C 183 -17.78 26.78 23.22
N VAL C 184 -17.90 26.40 24.49
CA VAL C 184 -17.96 25.00 24.99
C VAL C 184 -19.19 24.91 25.90
N LEU C 185 -20.01 23.86 25.77
CA LEU C 185 -21.23 23.80 26.59
C LEU C 185 -20.94 23.31 28.00
N THR C 186 -20.68 24.26 28.90
CA THR C 186 -20.45 23.96 30.31
C THR C 186 -21.44 24.83 31.08
N PRO C 187 -21.54 24.65 32.42
CA PRO C 187 -22.40 25.54 33.21
C PRO C 187 -22.17 27.06 33.05
N LEU C 188 -20.91 27.44 32.82
CA LEU C 188 -20.56 28.83 32.55
C LEU C 188 -21.33 29.40 31.33
N VAL C 189 -21.46 28.60 30.28
CA VAL C 189 -22.15 29.07 29.07
C VAL C 189 -23.67 28.91 29.22
N GLN C 190 -24.10 27.83 29.87
CA GLN C 190 -25.53 27.55 30.06
C GLN C 190 -26.25 28.72 30.72
N LYS C 191 -25.55 29.40 31.62
CA LYS C 191 -26.08 30.57 32.32
C LYS C 191 -26.36 31.74 31.36
N GLN C 192 -25.47 31.92 30.38
CA GLN C 192 -25.64 32.98 29.40
C GLN C 192 -26.81 32.69 28.45
N ILE C 193 -26.99 31.41 28.11
CA ILE C 193 -28.17 30.94 27.36
C ILE C 193 -29.45 31.21 28.17
N ASP C 194 -29.46 30.73 29.41
CA ASP C 194 -30.52 31.02 30.34
C ASP C 194 -30.87 32.52 30.37
N ASP C 195 -29.85 33.36 30.43
CA ASP C 195 -30.05 34.82 30.44
C ASP C 195 -30.22 35.41 29.04
N ARG C 196 -30.61 34.59 28.06
CA ARG C 196 -30.85 35.06 26.70
C ARG C 196 -32.30 34.76 26.28
N LEU C 204 -33.99 26.77 22.94
CA LEU C 204 -32.84 26.38 22.13
C LEU C 204 -32.50 27.42 21.06
N GLN C 205 -33.47 28.27 20.70
CA GLN C 205 -33.24 29.38 19.76
C GLN C 205 -32.25 30.42 20.30
N ALA C 206 -32.21 30.57 21.62
CA ALA C 206 -31.18 31.37 22.32
C ALA C 206 -29.77 30.72 22.27
N GLN C 207 -29.72 29.39 22.40
CA GLN C 207 -28.47 28.65 22.24
C GLN C 207 -27.93 28.73 20.80
N HIS C 208 -28.82 28.67 19.82
CA HIS C 208 -28.41 28.82 18.42
C HIS C 208 -27.96 30.26 18.18
N ASP C 209 -28.76 31.19 18.69
CA ASP C 209 -28.48 32.62 18.73
C ASP C 209 -27.08 32.85 19.33
N LEU C 210 -26.76 32.13 20.40
CA LEU C 210 -25.48 32.31 21.10
C LEU C 210 -24.29 31.82 20.24
N LEU C 211 -24.39 30.60 19.74
CA LEU C 211 -23.48 30.07 18.75
C LEU C 211 -23.40 30.94 17.49
N ALA C 212 -24.55 31.23 16.87
CA ALA C 212 -24.61 31.91 15.56
C ALA C 212 -23.91 33.26 15.54
N GLU C 213 -24.06 34.00 16.63
CA GLU C 213 -23.48 35.34 16.81
C GLU C 213 -21.97 35.37 16.68
N LYS C 214 -21.33 34.33 17.17
CA LYS C 214 -19.88 34.37 17.41
C LYS C 214 -19.10 33.26 16.75
N GLN C 215 -19.77 32.14 16.53
CA GLN C 215 -19.05 30.87 16.20
C GLN C 215 -19.55 30.25 14.88
N PRO C 216 -18.91 30.61 13.73
CA PRO C 216 -19.39 30.28 12.38
C PRO C 216 -19.74 28.79 12.14
N SER C 217 -19.02 27.85 12.78
CA SER C 217 -19.37 26.42 12.62
C SER C 217 -20.74 26.04 13.16
N LEU C 218 -21.28 26.87 14.03
CA LEU C 218 -22.55 26.59 14.71
C LEU C 218 -22.48 25.25 15.47
N ALA C 219 -21.26 24.92 15.91
CA ALA C 219 -21.05 23.71 16.72
C ALA C 219 -20.13 24.11 17.88
N PHE C 220 -20.38 23.55 19.06
CA PHE C 220 -19.49 23.72 20.23
C PHE C 220 -18.18 22.94 20.07
N VAL C 221 -17.14 23.50 20.68
CA VAL C 221 -15.87 22.84 20.92
C VAL C 221 -16.13 21.96 22.17
N THR C 222 -15.42 20.86 22.31
CA THR C 222 -15.69 19.95 23.47
C THR C 222 -14.49 19.85 24.39
N PRO C 223 -14.72 19.62 25.71
CA PRO C 223 -13.61 19.34 26.65
C PRO C 223 -12.66 18.29 26.12
N GLU C 224 -13.18 17.27 25.43
CA GLU C 224 -12.33 16.18 24.91
C GLU C 224 -11.37 16.70 23.78
N HIS C 225 -11.89 17.53 22.86
CA HIS C 225 -11.03 18.23 21.89
C HIS C 225 -9.88 18.94 22.60
N LEU C 226 -10.22 19.77 23.58
CA LEU C 226 -9.24 20.59 24.35
C LEU C 226 -8.18 19.72 25.08
N GLY C 227 -8.65 18.65 25.73
CA GLY C 227 -7.76 17.64 26.33
C GLY C 227 -6.80 17.02 25.35
N GLU C 228 -7.29 16.64 24.16
CA GLU C 228 -6.39 16.10 23.13
C GLU C 228 -5.33 17.12 22.68
N LEU C 229 -5.70 18.40 22.62
CA LEU C 229 -4.72 19.46 22.37
C LEU C 229 -3.69 19.63 23.51
N VAL C 230 -4.16 19.64 24.75
CA VAL C 230 -3.23 19.67 25.92
C VAL C 230 -2.23 18.52 25.80
N LEU C 231 -2.75 17.34 25.49
CA LEU C 231 -1.93 16.16 25.32
C LEU C 231 -0.88 16.37 24.21
N PHE C 232 -1.30 16.98 23.10
CA PHE C 232 -0.32 17.31 22.04
C PHE C 232 0.77 18.25 22.55
N LEU C 233 0.37 19.29 23.28
CA LEU C 233 1.34 20.24 23.82
C LEU C 233 2.31 19.57 24.82
N CYS C 234 1.87 18.47 25.44
CA CYS C 234 2.75 17.74 26.40
C CYS C 234 3.71 16.80 25.71
N SER C 235 3.45 16.50 24.43
CA SER C 235 4.31 15.57 23.67
C SER C 235 5.65 16.20 23.25
N GLU C 236 6.57 15.39 22.75
CA GLU C 236 7.81 15.91 22.18
C GLU C 236 7.55 16.89 21.05
N ALA C 237 6.46 16.70 20.31
CA ALA C 237 6.06 17.60 19.22
C ALA C 237 5.71 19.02 19.70
N GLY C 238 5.44 19.16 21.00
CA GLY C 238 5.21 20.47 21.59
C GLY C 238 6.46 21.15 22.13
N SER C 239 7.62 20.50 21.99
CA SER C 239 8.86 20.99 22.63
C SER C 239 9.27 22.40 22.20
N GLN C 240 8.92 22.81 20.97
CA GLN C 240 9.22 24.15 20.49
C GLN C 240 8.00 25.03 20.30
N VAL C 241 6.86 24.60 20.84
CA VAL C 241 5.71 25.49 20.94
C VAL C 241 5.92 26.29 22.21
N ARG C 242 6.10 27.62 22.08
CA ARG C 242 6.51 28.44 23.23
C ARG C 242 5.88 29.84 23.21
N GLY C 243 5.14 30.15 24.28
CA GLY C 243 4.46 31.43 24.42
C GLY C 243 3.36 31.68 23.41
N ALA C 244 2.79 30.60 22.87
CA ALA C 244 1.74 30.66 21.88
C ALA C 244 0.35 30.69 22.53
N ALA C 245 -0.61 31.18 21.76
CA ALA C 245 -2.02 31.22 22.15
C ALA C 245 -2.82 30.58 21.02
N TRP C 246 -3.05 29.28 21.11
CA TRP C 246 -3.67 28.60 19.98
C TRP C 246 -5.19 28.54 20.19
N ASN C 247 -5.93 29.02 19.19
CA ASN C 247 -7.40 29.04 19.24
C ASN C 247 -8.10 27.82 18.63
N VAL C 248 -9.10 27.31 19.37
CA VAL C 248 -9.93 26.18 18.96
C VAL C 248 -11.34 26.75 19.10
N ASP C 249 -11.91 27.28 18.00
CA ASP C 249 -13.00 28.24 18.19
C ASP C 249 -14.10 28.19 17.14
N GLY C 250 -14.13 27.12 16.34
CA GLY C 250 -15.13 27.01 15.27
C GLY C 250 -15.17 28.19 14.30
N GLY C 251 -14.06 28.93 14.22
CA GLY C 251 -13.95 30.07 13.30
C GLY C 251 -14.08 31.46 13.91
N TRP C 252 -14.27 31.53 15.22
CA TRP C 252 -14.57 32.80 15.92
C TRP C 252 -13.58 33.92 15.56
N LEU C 253 -12.29 33.59 15.55
CA LEU C 253 -11.27 34.61 15.39
C LEU C 253 -10.88 34.82 13.93
N ALA C 254 -11.37 33.97 13.04
CA ALA C 254 -11.02 34.08 11.62
C ALA C 254 -11.80 35.25 10.99
N GLN C 255 -12.91 35.68 11.61
CA GLN C 255 -13.68 36.82 11.09
C GLN C 255 -13.53 38.04 12.02
N THR D 1 -4.64 5.94 12.02
CA THR D 1 -5.89 6.72 12.20
C THR D 1 -6.46 7.24 10.86
N LEU D 2 -5.59 7.30 9.84
CA LEU D 2 -5.95 7.91 8.54
C LEU D 2 -6.11 6.87 7.41
N LYS D 3 -6.26 5.60 7.78
CA LYS D 3 -6.39 4.52 6.79
C LYS D 3 -7.29 4.80 5.58
N GLY D 4 -8.50 5.29 5.77
CA GLY D 4 -9.33 5.53 4.57
C GLY D 4 -8.86 6.66 3.61
N LYS D 5 -7.78 7.33 3.96
CA LYS D 5 -7.55 8.68 3.45
C LYS D 5 -6.35 8.86 2.50
N THR D 6 -6.48 9.84 1.61
CA THR D 6 -5.39 10.26 0.73
C THR D 6 -4.93 11.66 1.05
N ALA D 7 -3.63 11.78 1.31
CA ALA D 7 -3.02 13.07 1.57
C ALA D 7 -2.11 13.48 0.42
N LEU D 8 -2.31 14.70 -0.08
CA LEU D 8 -1.38 15.26 -1.04
C LEU D 8 -0.55 16.32 -0.33
N VAL D 9 0.76 16.15 -0.31
CA VAL D 9 1.63 17.10 0.36
C VAL D 9 2.52 17.75 -0.71
N THR D 10 2.34 19.04 -0.96
CA THR D 10 3.16 19.68 -2.01
C THR D 10 4.59 19.90 -1.50
N GLY D 11 5.58 19.82 -2.39
CA GLY D 11 6.99 20.02 -1.96
C GLY D 11 7.38 19.09 -0.80
N SER D 12 7.11 17.80 -1.00
CA SER D 12 7.38 16.79 -0.01
C SER D 12 8.55 15.85 -0.40
N THR D 13 9.37 16.25 -1.38
CA THR D 13 10.56 15.45 -1.71
C THR D 13 11.73 15.75 -0.76
N SER D 14 11.55 16.78 0.08
CA SER D 14 12.51 17.12 1.13
C SER D 14 11.95 17.97 2.28
N GLY D 15 12.80 18.24 3.27
CA GLY D 15 12.50 19.18 4.36
C GLY D 15 11.18 18.91 5.07
N ILE D 16 10.44 19.99 5.32
CA ILE D 16 9.22 19.97 6.10
C ILE D 16 8.13 19.08 5.47
N GLY D 17 7.91 19.24 4.15
CA GLY D 17 6.90 18.44 3.44
C GLY D 17 7.20 16.97 3.52
N LEU D 18 8.47 16.59 3.35
CA LEU D 18 8.85 15.16 3.54
C LEU D 18 8.53 14.67 4.96
N GLY D 19 8.90 15.45 5.97
CA GLY D 19 8.55 15.11 7.40
C GLY D 19 7.05 14.97 7.63
N ILE D 20 6.26 15.92 7.12
CA ILE D 20 4.80 15.79 7.16
C ILE D 20 4.31 14.50 6.46
N ALA D 21 4.75 14.28 5.22
CA ALA D 21 4.31 13.09 4.49
C ALA D 21 4.65 11.80 5.24
N GLN D 22 5.84 11.73 5.85
CA GLN D 22 6.28 10.54 6.62
C GLN D 22 5.36 10.23 7.81
N VAL D 23 4.97 11.26 8.57
CA VAL D 23 4.01 11.09 9.69
C VAL D 23 2.61 10.66 9.23
N LEU D 24 2.09 11.30 8.19
CA LEU D 24 0.77 10.89 7.66
C LEU D 24 0.78 9.47 7.10
N ALA D 25 1.84 9.10 6.38
CA ALA D 25 2.05 7.70 5.96
C ALA D 25 2.06 6.75 7.18
N ARG D 26 2.74 7.16 8.25
CA ARG D 26 2.81 6.27 9.40
C ARG D 26 1.41 6.04 10.01
N ALA D 27 0.58 7.07 9.95
CA ALA D 27 -0.83 7.06 10.40
C ALA D 27 -1.78 6.35 9.45
N GLY D 28 -1.28 6.00 8.25
CA GLY D 28 -2.02 5.14 7.33
C GLY D 28 -2.61 5.78 6.10
N ALA D 29 -2.35 7.07 5.90
CA ALA D 29 -2.80 7.78 4.69
C ALA D 29 -2.01 7.30 3.48
N ASN D 30 -2.68 7.13 2.35
CA ASN D 30 -2.01 7.06 1.05
C ASN D 30 -1.39 8.43 0.77
N ILE D 31 -0.32 8.45 -0.01
CA ILE D 31 0.45 9.69 -0.19
C ILE D 31 0.62 10.05 -1.67
N VAL D 32 0.32 11.32 -1.98
CA VAL D 32 0.77 11.91 -3.24
C VAL D 32 1.90 12.84 -2.90
N LEU D 33 3.10 12.45 -3.31
CA LEU D 33 4.27 13.32 -3.15
C LEU D 33 4.44 14.24 -4.35
N ASN D 34 5.19 15.29 -4.12
CA ASN D 34 5.40 16.28 -5.15
C ASN D 34 6.70 17.01 -4.84
N GLY D 35 7.33 17.58 -5.86
CA GLY D 35 8.54 18.33 -5.59
C GLY D 35 9.66 17.93 -6.50
N PHE D 36 10.72 18.74 -6.45
CA PHE D 36 11.86 18.56 -7.33
C PHE D 36 12.96 17.76 -6.64
N GLY D 37 14.13 17.64 -7.27
CA GLY D 37 15.21 16.83 -6.67
C GLY D 37 14.88 15.35 -6.84
N ASP D 38 15.29 14.48 -5.90
CA ASP D 38 15.12 13.03 -6.13
C ASP D 38 14.01 12.40 -5.28
N PRO D 39 12.92 11.96 -5.93
CA PRO D 39 11.75 11.38 -5.23
C PRO D 39 11.91 9.94 -4.77
N ALA D 40 12.89 9.24 -5.33
CA ALA D 40 13.04 7.81 -5.03
C ALA D 40 13.28 7.55 -3.54
N PRO D 41 14.33 8.20 -2.94
CA PRO D 41 14.58 8.00 -1.52
C PRO D 41 13.41 8.42 -0.65
N ALA D 42 12.67 9.45 -1.08
CA ALA D 42 11.53 9.97 -0.35
C ALA D 42 10.38 8.96 -0.36
N LEU D 43 10.04 8.49 -1.55
CA LEU D 43 9.02 7.45 -1.68
C LEU D 43 9.35 6.16 -0.92
N ALA D 44 10.63 5.75 -0.91
CA ALA D 44 11.09 4.69 -0.02
C ALA D 44 11.16 5.33 1.38
N GLU D 45 10.75 4.63 2.43
CA GLU D 45 10.49 5.33 3.72
C GLU D 45 9.29 6.30 3.68
N ILE D 46 8.42 6.03 2.73
CA ILE D 46 6.99 6.15 2.93
C ILE D 46 6.54 4.70 2.70
N ALA D 47 7.20 4.06 1.73
CA ALA D 47 6.83 2.71 1.30
C ALA D 47 7.08 1.71 2.42
N ARG D 48 7.90 2.11 3.39
CA ARG D 48 8.20 1.22 4.51
C ARG D 48 6.93 0.94 5.33
N HIS D 49 5.99 1.89 5.28
CA HIS D 49 4.69 1.72 5.96
C HIS D 49 3.68 0.88 5.15
N GLY D 50 4.03 0.45 3.94
CA GLY D 50 3.09 -0.29 3.09
C GLY D 50 1.97 0.54 2.45
N VAL D 51 2.01 1.84 2.69
CA VAL D 51 1.03 2.75 2.13
C VAL D 51 1.24 2.90 0.60
N LYS D 52 0.16 3.14 -0.15
CA LYS D 52 0.24 3.44 -1.59
C LYS D 52 0.72 4.88 -1.73
N ALA D 53 1.77 5.08 -2.52
CA ALA D 53 2.35 6.42 -2.61
C ALA D 53 2.88 6.63 -4.02
N VAL D 54 2.61 7.81 -4.58
CA VAL D 54 3.02 8.11 -5.95
C VAL D 54 3.55 9.54 -5.91
N HIS D 55 4.53 9.84 -6.76
CA HIS D 55 5.11 11.18 -6.85
C HIS D 55 4.72 11.74 -8.22
N HIS D 56 4.33 13.02 -8.24
CA HIS D 56 4.09 13.76 -9.49
C HIS D 56 5.03 15.00 -9.45
N PRO D 57 5.78 15.24 -10.57
CA PRO D 57 6.77 16.32 -10.55
C PRO D 57 6.23 17.71 -10.88
N ALA D 58 4.92 17.95 -10.78
CA ALA D 58 4.32 19.29 -11.05
C ALA D 58 5.10 20.46 -10.50
N ASP D 59 5.36 21.44 -11.36
CA ASP D 59 5.82 22.77 -10.95
C ASP D 59 4.55 23.59 -10.64
N LEU D 60 4.33 23.88 -9.37
CA LEU D 60 3.06 24.47 -8.93
C LEU D 60 2.91 25.97 -9.27
N SER D 61 3.94 26.55 -9.88
CA SER D 61 3.78 27.90 -10.42
C SER D 61 3.07 27.88 -11.81
N ASP D 62 2.81 26.68 -12.34
CA ASP D 62 2.17 26.49 -13.65
C ASP D 62 0.83 25.87 -13.36
N VAL D 63 -0.23 26.66 -13.51
CA VAL D 63 -1.59 26.20 -13.23
C VAL D 63 -1.94 24.87 -13.93
N ALA D 64 -1.61 24.76 -15.21
CA ALA D 64 -1.77 23.51 -15.96
C ALA D 64 -1.11 22.31 -15.26
N GLN D 65 0.07 22.54 -14.66
CA GLN D 65 0.74 21.47 -13.95
C GLN D 65 0.09 21.10 -12.59
N ILE D 66 -0.42 22.10 -11.87
CA ILE D 66 -1.21 21.82 -10.66
C ILE D 66 -2.47 21.02 -11.05
N GLU D 67 -3.08 21.37 -12.19
CA GLU D 67 -4.29 20.65 -12.62
C GLU D 67 -3.95 19.19 -12.94
N ALA D 68 -2.79 18.98 -13.59
CA ALA D 68 -2.37 17.61 -13.92
C ALA D 68 -2.13 16.79 -12.65
N LEU D 69 -1.51 17.45 -11.65
CA LEU D 69 -1.27 16.88 -10.29
C LEU D 69 -2.56 16.36 -9.66
N PHE D 70 -3.57 17.23 -9.59
CA PHE D 70 -4.85 16.82 -9.02
C PHE D 70 -5.61 15.78 -9.84
N ALA D 71 -5.55 15.89 -11.17
CA ALA D 71 -6.14 14.86 -12.02
C ALA D 71 -5.50 13.49 -11.78
N LEU D 72 -4.17 13.44 -11.60
CA LEU D 72 -3.50 12.16 -11.20
C LEU D 72 -4.04 11.63 -9.87
N ALA D 73 -4.13 12.52 -8.87
CA ALA D 73 -4.66 12.15 -7.56
C ALA D 73 -6.07 11.58 -7.65
N GLU D 74 -6.95 12.21 -8.46
CA GLU D 74 -8.30 11.64 -8.64
C GLU D 74 -8.25 10.32 -9.37
N ARG D 75 -7.46 10.24 -10.45
CA ARG D 75 -7.33 8.99 -11.22
C ARG D 75 -6.75 7.84 -10.38
N GLU D 76 -5.75 8.13 -9.56
CA GLU D 76 -4.99 7.08 -8.90
C GLU D 76 -5.48 6.71 -7.51
N PHE D 77 -6.08 7.68 -6.81
CA PHE D 77 -6.49 7.54 -5.42
C PHE D 77 -7.99 7.80 -5.22
N GLY D 78 -8.66 8.33 -6.25
CA GLY D 78 -10.06 8.74 -6.10
C GLY D 78 -10.28 10.06 -5.37
N GLY D 79 -9.31 10.98 -5.43
CA GLY D 79 -9.48 12.32 -4.83
C GLY D 79 -8.60 12.53 -3.62
N VAL D 80 -8.46 13.79 -3.20
CA VAL D 80 -7.55 14.18 -2.11
C VAL D 80 -8.41 14.47 -0.90
N ASP D 81 -8.09 13.81 0.22
CA ASP D 81 -8.81 14.05 1.49
C ASP D 81 -8.08 15.05 2.37
N ILE D 82 -6.75 15.02 2.31
CA ILE D 82 -5.93 15.90 3.14
C ILE D 82 -4.98 16.61 2.18
N LEU D 83 -5.09 17.93 2.13
CA LEU D 83 -4.22 18.69 1.25
C LEU D 83 -3.30 19.49 2.14
N VAL D 84 -2.00 19.26 2.04
CA VAL D 84 -1.06 20.09 2.76
C VAL D 84 -0.32 20.96 1.71
N ASN D 85 -0.56 22.28 1.77
CA ASN D 85 0.05 23.18 0.81
C ASN D 85 1.32 23.70 1.44
N ASN D 86 2.44 23.14 0.99
CA ASN D 86 3.72 23.32 1.66
C ASN D 86 4.83 23.89 0.82
N ALA D 87 4.88 23.56 -0.46
CA ALA D 87 6.00 23.94 -1.34
C ALA D 87 6.19 25.45 -1.27
N GLY D 88 7.45 25.86 -1.24
CA GLY D 88 7.73 27.28 -1.00
C GLY D 88 9.18 27.55 -1.30
N ILE D 89 9.47 28.77 -1.71
CA ILE D 89 10.84 29.22 -2.01
C ILE D 89 11.09 30.56 -1.32
N GLN D 90 12.38 30.98 -1.27
CA GLN D 90 12.80 32.21 -0.56
C GLN D 90 13.74 33.03 -1.44
N HIS D 91 13.74 34.35 -1.25
CA HIS D 91 14.75 35.18 -1.87
C HIS D 91 14.93 36.40 -0.99
N VAL D 92 16.18 36.66 -0.59
CA VAL D 92 16.45 37.74 0.34
C VAL D 92 17.18 38.90 -0.35
N ALA D 93 16.52 40.07 -0.36
CA ALA D 93 17.15 41.29 -0.87
C ALA D 93 16.31 42.47 -0.41
N PRO D 94 16.92 43.66 -0.31
CA PRO D 94 16.18 44.86 0.07
C PRO D 94 15.07 45.11 -0.95
N VAL D 95 13.96 45.70 -0.51
CA VAL D 95 12.80 45.79 -1.41
C VAL D 95 13.13 46.45 -2.76
N GLU D 96 13.97 47.48 -2.73
CA GLU D 96 14.30 48.27 -3.93
C GLU D 96 15.38 47.58 -4.79
N GLN D 97 15.93 46.49 -4.29
CA GLN D 97 16.85 45.67 -5.10
C GLN D 97 16.26 44.28 -5.33
N PHE D 98 15.02 44.07 -4.90
CA PHE D 98 14.35 42.77 -5.06
C PHE D 98 14.13 42.45 -6.55
N PRO D 99 14.62 41.28 -7.02
CA PRO D 99 14.43 40.96 -8.43
C PRO D 99 12.95 40.87 -8.77
N LEU D 100 12.52 41.50 -9.87
CA LEU D 100 11.08 41.52 -10.15
C LEU D 100 10.63 40.10 -10.44
N GLU D 101 11.49 39.29 -11.08
CA GLU D 101 11.10 37.88 -11.34
C GLU D 101 10.99 37.05 -10.06
N SER D 102 11.78 37.39 -9.04
CA SER D 102 11.68 36.70 -7.75
C SER D 102 10.38 37.07 -7.04
N TRP D 103 9.95 38.31 -7.16
CA TRP D 103 8.66 38.73 -6.58
C TRP D 103 7.57 37.85 -7.17
N ASP D 104 7.53 37.77 -8.51
CA ASP D 104 6.46 37.02 -9.19
C ASP D 104 6.51 35.52 -8.88
N LYS D 105 7.71 34.96 -8.86
CA LYS D 105 7.86 33.53 -8.55
C LYS D 105 7.45 33.17 -7.13
N ILE D 106 7.83 34.02 -6.17
CA ILE D 106 7.49 33.79 -4.76
C ILE D 106 5.98 33.88 -4.59
N ILE D 107 5.38 34.92 -5.16
CA ILE D 107 3.91 35.06 -5.13
C ILE D 107 3.22 33.86 -5.82
N ALA D 108 3.72 33.45 -6.98
CA ALA D 108 3.08 32.34 -7.71
C ALA D 108 3.05 31.05 -6.89
N LEU D 109 4.18 30.71 -6.28
CA LEU D 109 4.30 29.45 -5.58
C LEU D 109 3.79 29.57 -4.16
N ASN D 110 4.26 30.59 -3.44
CA ASN D 110 4.02 30.63 -1.99
C ASN D 110 2.58 31.06 -1.68
N LEU D 111 1.92 31.72 -2.62
CA LEU D 111 0.55 32.16 -2.39
C LEU D 111 -0.44 31.57 -3.42
N SER D 112 -0.30 31.89 -4.71
CA SER D 112 -1.30 31.50 -5.70
C SER D 112 -1.51 30.00 -5.78
N ALA D 113 -0.41 29.26 -5.62
CA ALA D 113 -0.51 27.79 -5.70
C ALA D 113 -1.40 27.24 -4.61
N VAL D 114 -1.43 27.92 -3.46
CA VAL D 114 -2.28 27.56 -2.33
C VAL D 114 -3.76 27.78 -2.72
N PHE D 115 -4.07 28.89 -3.36
CA PHE D 115 -5.41 29.10 -3.91
C PHE D 115 -5.77 28.00 -4.96
N HIS D 116 -4.84 27.72 -5.87
CA HIS D 116 -5.11 26.73 -6.90
C HIS D 116 -5.30 25.34 -6.29
N GLY D 117 -4.41 24.96 -5.36
CA GLY D 117 -4.57 23.64 -4.73
C GLY D 117 -5.92 23.55 -3.99
N THR D 118 -6.24 24.59 -3.25
CA THR D 118 -7.50 24.67 -2.50
C THR D 118 -8.74 24.53 -3.39
N ARG D 119 -8.75 25.26 -4.51
CA ARG D 119 -9.92 25.31 -5.35
C ARG D 119 -10.14 23.93 -6.01
N LEU D 120 -9.04 23.17 -6.21
CA LEU D 120 -9.12 21.89 -6.91
C LEU D 120 -9.45 20.75 -5.94
N ALA D 121 -9.08 20.92 -4.68
CA ALA D 121 -9.36 19.90 -3.69
C ALA D 121 -10.76 20.04 -3.06
N LEU D 122 -11.23 21.29 -2.94
CA LEU D 122 -12.46 21.57 -2.18
C LEU D 122 -13.75 20.91 -2.68
N PRO D 123 -14.02 20.91 -4.01
CA PRO D 123 -15.27 20.25 -4.42
C PRO D 123 -15.40 18.80 -3.94
N GLY D 124 -14.34 18.02 -4.10
CA GLY D 124 -14.35 16.61 -3.68
C GLY D 124 -14.55 16.46 -2.18
N MET D 125 -13.80 17.25 -1.41
CA MET D 125 -13.94 17.29 0.06
C MET D 125 -15.34 17.64 0.50
N ARG D 126 -15.98 18.58 -0.20
CA ARG D 126 -17.37 18.92 0.10
C ARG D 126 -18.31 17.79 -0.28
N ALA D 127 -18.06 17.18 -1.43
CA ALA D 127 -18.90 16.07 -1.92
C ALA D 127 -18.90 14.85 -0.97
N ARG D 128 -17.74 14.61 -0.37
CA ARG D 128 -17.54 13.49 0.57
C ARG D 128 -17.75 13.90 2.03
N ASN D 129 -18.10 15.17 2.21
CA ASN D 129 -18.19 15.86 3.49
C ASN D 129 -17.08 15.54 4.49
N TRP D 130 -15.85 15.57 4.00
CA TRP D 130 -14.71 15.42 4.90
C TRP D 130 -13.50 15.95 4.19
N GLY D 131 -12.76 16.80 4.88
CA GLY D 131 -11.53 17.26 4.28
C GLY D 131 -10.73 18.02 5.30
N ARG D 132 -9.43 18.07 5.02
CA ARG D 132 -8.50 18.94 5.77
C ARG D 132 -7.58 19.63 4.81
N ILE D 133 -7.53 20.95 4.91
CA ILE D 133 -6.61 21.71 4.12
C ILE D 133 -5.68 22.34 5.14
N ILE D 134 -4.38 22.05 5.02
CA ILE D 134 -3.42 22.62 5.95
C ILE D 134 -2.36 23.37 5.16
N ASN D 135 -2.22 24.65 5.44
CA ASN D 135 -1.28 25.50 4.70
C ASN D 135 -0.06 25.71 5.58
N ILE D 136 1.13 25.40 5.05
CA ILE D 136 2.35 25.64 5.80
C ILE D 136 2.74 27.07 5.50
N ALA D 137 2.40 27.99 6.43
CA ALA D 137 2.74 29.37 6.25
C ALA D 137 4.14 29.60 6.88
N SER D 138 4.23 30.38 7.95
CA SER D 138 5.51 30.70 8.53
C SER D 138 5.20 31.72 9.60
N VAL D 139 6.15 31.93 10.50
CA VAL D 139 6.14 33.13 11.37
C VAL D 139 6.00 34.39 10.51
N HIS D 140 6.47 34.29 9.28
CA HIS D 140 6.46 35.43 8.35
C HIS D 140 5.10 35.70 7.71
N GLY D 141 4.13 34.85 8.04
CA GLY D 141 2.72 35.14 7.79
C GLY D 141 2.11 36.05 8.85
N LEU D 142 2.84 36.28 9.94
CA LEU D 142 2.31 37.03 11.09
C LEU D 142 3.17 38.26 11.44
N VAL D 143 4.46 38.20 11.09
CA VAL D 143 5.36 39.34 11.29
C VAL D 143 6.31 39.48 10.09
N GLY D 144 7.04 40.60 10.04
CA GLY D 144 8.04 40.81 8.98
C GLY D 144 9.49 40.52 9.38
N SER D 145 10.36 40.38 8.38
CA SER D 145 11.82 40.49 8.54
C SER D 145 12.37 41.32 7.40
N THR D 146 13.50 41.98 7.64
CA THR D 146 14.15 42.72 6.56
C THR D 146 14.55 41.74 5.45
N GLY D 147 14.58 42.23 4.22
CA GLY D 147 15.05 41.43 3.09
C GLY D 147 14.05 40.43 2.54
N LYS D 148 12.89 40.28 3.16
CA LYS D 148 11.95 39.24 2.79
C LYS D 148 10.61 39.75 2.26
N ALA D 149 10.64 40.84 1.47
CA ALA D 149 9.38 41.47 0.98
C ALA D 149 8.39 40.48 0.36
N ALA D 150 8.82 39.71 -0.64
CA ALA D 150 7.87 38.81 -1.33
C ALA D 150 7.36 37.66 -0.46
N TYR D 151 8.29 37.08 0.31
CA TYR D 151 7.98 35.92 1.17
C TYR D 151 6.97 36.32 2.24
N VAL D 152 7.24 37.45 2.92
CA VAL D 152 6.35 37.94 3.99
C VAL D 152 4.98 38.28 3.41
N ALA D 153 4.95 38.94 2.25
CA ALA D 153 3.67 39.24 1.60
C ALA D 153 2.92 37.94 1.30
N ALA D 154 3.60 36.97 0.67
CA ALA D 154 2.95 35.71 0.33
C ALA D 154 2.42 34.94 1.54
N LYS D 155 3.24 34.82 2.57
CA LYS D 155 2.85 34.04 3.76
C LYS D 155 1.72 34.74 4.52
N HIS D 156 1.73 36.07 4.56
CA HIS D 156 0.59 36.79 5.13
C HIS D 156 -0.69 36.51 4.31
N GLY D 157 -0.54 36.56 2.99
CA GLY D 157 -1.62 36.23 2.06
C GLY D 157 -2.22 34.85 2.34
N VAL D 158 -1.36 33.87 2.59
CA VAL D 158 -1.80 32.51 2.94
C VAL D 158 -2.55 32.48 4.25
N VAL D 159 -2.05 33.19 5.25
CA VAL D 159 -2.79 33.29 6.53
C VAL D 159 -4.19 33.88 6.32
N GLY D 160 -4.28 34.89 5.46
CA GLY D 160 -5.55 35.52 5.17
C GLY D 160 -6.45 34.55 4.43
N LEU D 161 -5.92 33.90 3.41
CA LEU D 161 -6.69 32.96 2.63
C LEU D 161 -7.24 31.82 3.50
N THR D 162 -6.38 31.26 4.34
CA THR D 162 -6.78 30.26 5.33
C THR D 162 -8.03 30.67 6.11
N LYS D 163 -8.08 31.94 6.58
CA LYS D 163 -9.28 32.45 7.32
C LYS D 163 -10.52 32.42 6.43
N VAL D 164 -10.41 32.90 5.19
CA VAL D 164 -11.54 32.82 4.28
C VAL D 164 -12.05 31.38 4.07
N VAL D 165 -11.12 30.49 3.76
CA VAL D 165 -11.53 29.10 3.48
C VAL D 165 -12.11 28.47 4.76
N GLY D 166 -11.51 28.76 5.92
CA GLY D 166 -12.00 28.26 7.20
C GLY D 166 -13.42 28.74 7.50
N LEU D 167 -13.71 29.98 7.11
CA LEU D 167 -15.08 30.51 7.25
C LEU D 167 -16.05 29.89 6.27
N GLU D 168 -15.65 29.79 5.01
CA GLU D 168 -16.53 29.28 3.95
C GLU D 168 -16.95 27.84 4.22
N THR D 169 -16.02 27.06 4.82
CA THR D 169 -16.27 25.63 5.14
C THR D 169 -16.80 25.36 6.56
N ALA D 170 -17.03 26.43 7.33
CA ALA D 170 -17.27 26.26 8.79
C ALA D 170 -18.47 25.37 9.13
N THR D 171 -19.51 25.35 8.30
CA THR D 171 -20.67 24.52 8.61
C THR D 171 -20.56 23.08 8.03
N SER D 172 -19.39 22.75 7.47
CA SER D 172 -19.15 21.40 6.93
C SER D 172 -18.14 20.66 7.80
N ASN D 173 -17.82 19.41 7.42
CA ASN D 173 -16.74 18.64 8.04
C ASN D 173 -15.40 18.83 7.33
N VAL D 174 -15.28 19.92 6.59
CA VAL D 174 -13.99 20.30 5.98
C VAL D 174 -13.47 21.44 6.79
N THR D 175 -12.21 21.32 7.25
CA THR D 175 -11.54 22.46 7.89
C THR D 175 -10.39 22.96 7.03
N CYS D 176 -9.99 24.22 7.25
CA CYS D 176 -8.78 24.76 6.68
C CYS D 176 -8.09 25.57 7.77
N ASN D 177 -6.79 25.34 7.92
CA ASN D 177 -5.97 25.97 8.93
C ASN D 177 -4.54 26.15 8.44
N ALA D 178 -3.75 26.96 9.14
CA ALA D 178 -2.36 27.16 8.74
C ALA D 178 -1.44 26.79 9.89
N ILE D 179 -0.24 26.28 9.58
CA ILE D 179 0.79 26.11 10.60
C ILE D 179 1.88 27.09 10.28
N CYS D 180 2.37 27.78 11.30
CA CYS D 180 3.35 28.86 11.10
C CYS D 180 4.69 28.51 11.79
N PRO D 181 5.60 27.82 11.06
CA PRO D 181 6.89 27.49 11.68
C PRO D 181 7.86 28.69 11.87
N GLY D 182 8.69 28.64 12.91
CA GLY D 182 9.91 29.42 12.98
C GLY D 182 10.98 28.63 12.25
N TRP D 183 12.24 28.86 12.57
CA TRP D 183 13.32 28.21 11.83
C TRP D 183 13.28 26.69 11.91
N VAL D 184 13.39 26.03 10.75
CA VAL D 184 13.54 24.59 10.63
C VAL D 184 14.80 24.39 9.75
N LEU D 185 15.71 23.50 10.16
CA LEU D 185 16.94 23.35 9.37
C LEU D 185 16.70 22.54 8.09
N THR D 186 16.56 23.27 6.98
CA THR D 186 16.48 22.70 5.61
C THR D 186 17.39 23.52 4.70
N PRO D 187 17.60 23.08 3.42
CA PRO D 187 18.28 23.92 2.41
C PRO D 187 17.84 25.41 2.34
N LEU D 188 16.55 25.67 2.49
CA LEU D 188 16.00 27.05 2.51
C LEU D 188 16.68 27.95 3.55
N VAL D 189 16.96 27.38 4.72
CA VAL D 189 17.62 28.09 5.82
C VAL D 189 19.15 27.99 5.73
N GLN D 190 19.64 26.80 5.43
CA GLN D 190 21.08 26.55 5.32
C GLN D 190 21.73 27.48 4.30
N LYS D 191 20.95 27.87 3.29
CA LYS D 191 21.37 28.86 2.31
C LYS D 191 21.59 30.23 2.96
N GLN D 192 20.67 30.60 3.85
CA GLN D 192 20.78 31.86 4.58
C GLN D 192 21.94 31.85 5.58
N ILE D 193 22.13 30.72 6.26
CA ILE D 193 23.30 30.51 7.14
C ILE D 193 24.61 30.69 6.34
N ASP D 194 24.65 30.08 5.16
CA ASP D 194 25.81 30.14 4.27
C ASP D 194 26.17 31.57 3.88
N ASP D 195 25.15 32.36 3.55
CA ASP D 195 25.34 33.77 3.19
C ASP D 195 25.88 34.62 4.35
N ARG D 196 25.42 34.34 5.57
CA ARG D 196 25.94 34.97 6.79
C ARG D 196 27.39 34.56 7.05
N GLN D 205 28.77 29.34 13.79
CA GLN D 205 28.39 30.50 14.60
C GLN D 205 27.34 31.32 13.88
N ALA D 206 27.33 31.20 12.56
CA ALA D 206 26.35 31.86 11.71
C ALA D 206 24.97 31.24 11.96
N GLN D 207 24.97 29.97 12.36
CA GLN D 207 23.77 29.24 12.70
C GLN D 207 23.20 29.75 14.05
N HIS D 208 24.06 29.85 15.06
CA HIS D 208 23.70 30.39 16.38
C HIS D 208 23.26 31.85 16.30
N ASP D 209 23.95 32.65 15.50
CA ASP D 209 23.56 34.04 15.27
C ASP D 209 22.18 34.13 14.60
N LEU D 210 21.97 33.26 13.60
CA LEU D 210 20.70 33.16 12.86
C LEU D 210 19.53 32.88 13.80
N LEU D 211 19.67 31.82 14.59
CA LEU D 211 18.73 31.46 15.65
C LEU D 211 18.55 32.57 16.69
N ALA D 212 19.66 33.11 17.24
CA ALA D 212 19.60 34.04 18.37
C ALA D 212 18.80 35.31 18.10
N GLU D 213 18.91 35.79 16.87
CA GLU D 213 18.22 37.03 16.47
C GLU D 213 16.70 36.91 16.52
N LYS D 214 16.16 35.74 16.24
CA LYS D 214 14.72 35.62 16.01
C LYS D 214 14.00 34.58 16.86
N GLN D 215 14.75 33.56 17.32
CA GLN D 215 14.13 32.35 17.91
C GLN D 215 14.72 32.12 19.32
N PRO D 216 14.05 32.70 20.36
CA PRO D 216 14.57 32.70 21.73
C PRO D 216 14.99 31.31 22.27
N SER D 217 14.37 30.24 21.77
CA SER D 217 14.73 28.88 22.24
C SER D 217 16.13 28.43 21.84
N LEU D 218 16.69 29.07 20.80
CA LEU D 218 18.02 28.73 20.25
C LEU D 218 18.03 27.29 19.71
N ALA D 219 16.85 26.79 19.39
CA ALA D 219 16.69 25.43 18.86
C ALA D 219 15.78 25.42 17.64
N PHE D 220 16.13 24.59 16.66
CA PHE D 220 15.35 24.44 15.45
C PHE D 220 14.08 23.69 15.74
N VAL D 221 13.02 24.00 14.99
CA VAL D 221 11.79 23.20 14.99
C VAL D 221 12.05 22.02 14.02
N THR D 222 11.48 20.85 14.27
CA THR D 222 11.82 19.70 13.39
C THR D 222 10.67 19.35 12.47
N PRO D 223 10.96 18.88 11.22
CA PRO D 223 9.83 18.46 10.34
C PRO D 223 8.87 17.45 10.98
N GLU D 224 9.41 16.48 11.71
CA GLU D 224 8.60 15.42 12.30
C GLU D 224 7.56 16.01 13.26
N HIS D 225 7.99 16.96 14.09
CA HIS D 225 7.08 17.62 14.99
C HIS D 225 5.99 18.41 14.26
N LEU D 226 6.35 19.08 13.17
CA LEU D 226 5.35 19.73 12.33
C LEU D 226 4.36 18.71 11.72
N GLY D 227 4.88 17.56 11.27
CA GLY D 227 4.00 16.47 10.82
C GLY D 227 3.01 15.96 11.86
N GLU D 228 3.45 15.82 13.12
CA GLU D 228 2.53 15.46 14.24
C GLU D 228 1.43 16.51 14.47
N LEU D 229 1.76 17.76 14.26
CA LEU D 229 0.73 18.80 14.35
C LEU D 229 -0.28 18.66 13.21
N VAL D 230 0.19 18.35 12.00
CA VAL D 230 -0.72 18.16 10.87
C VAL D 230 -1.63 16.97 11.22
N LEU D 231 -1.01 15.90 11.70
CA LEU D 231 -1.76 14.73 12.15
C LEU D 231 -2.80 15.13 13.20
N PHE D 232 -2.40 15.92 14.20
CA PHE D 232 -3.41 16.41 15.16
C PHE D 232 -4.60 17.15 14.48
N LEU D 233 -4.30 18.08 13.57
CA LEU D 233 -5.35 18.80 12.83
C LEU D 233 -6.28 17.86 12.01
N CYS D 234 -5.74 16.73 11.56
CA CYS D 234 -6.55 15.73 10.85
C CYS D 234 -7.42 14.87 11.77
N SER D 235 -7.18 14.94 13.07
CA SER D 235 -7.93 14.09 14.00
C SER D 235 -9.28 14.70 14.29
N GLU D 236 -10.16 13.93 14.92
CA GLU D 236 -11.44 14.43 15.35
C GLU D 236 -11.26 15.66 16.25
N ALA D 237 -10.16 15.71 17.00
CA ALA D 237 -9.91 16.85 17.92
C ALA D 237 -9.63 18.15 17.17
N GLY D 238 -9.32 18.03 15.88
CA GLY D 238 -9.16 19.19 15.02
C GLY D 238 -10.43 19.69 14.36
N SER D 239 -11.56 19.04 14.65
CA SER D 239 -12.79 19.26 13.87
C SER D 239 -13.39 20.68 14.01
N GLN D 240 -13.11 21.35 15.14
CA GLN D 240 -13.51 22.73 15.29
C GLN D 240 -12.35 23.69 15.30
N VAL D 241 -11.20 23.25 14.79
CA VAL D 241 -10.12 24.20 14.55
C VAL D 241 -10.36 24.65 13.12
N ARG D 242 -10.63 25.95 12.94
CA ARG D 242 -11.10 26.46 11.65
C ARG D 242 -10.59 27.87 11.41
N GLY D 243 -9.77 28.01 10.35
CA GLY D 243 -9.23 29.30 9.89
C GLY D 243 -8.17 29.85 10.83
N ALA D 244 -7.54 28.95 11.56
CA ALA D 244 -6.55 29.29 12.56
C ALA D 244 -5.13 29.25 11.97
N ALA D 245 -4.22 29.97 12.61
CA ALA D 245 -2.85 29.94 12.17
C ALA D 245 -2.01 29.68 13.45
N TRP D 246 -1.60 28.45 13.63
CA TRP D 246 -0.95 28.07 14.86
C TRP D 246 0.55 28.10 14.68
N ASN D 247 1.27 28.80 15.56
CA ASN D 247 2.71 28.97 15.44
C ASN D 247 3.48 27.95 16.28
N VAL D 248 4.53 27.40 15.68
CA VAL D 248 5.48 26.48 16.32
C VAL D 248 6.81 27.10 15.97
N ASP D 249 7.36 27.88 16.90
CA ASP D 249 8.40 28.85 16.54
C ASP D 249 9.46 29.15 17.61
N GLY D 250 9.54 28.34 18.67
CA GLY D 250 10.62 28.53 19.66
C GLY D 250 10.50 29.89 20.38
N GLY D 251 9.35 30.54 20.25
CA GLY D 251 9.10 31.82 20.95
C GLY D 251 9.18 33.06 20.04
N TRP D 252 9.37 32.85 18.74
CA TRP D 252 9.56 33.95 17.79
C TRP D 252 8.48 35.04 17.89
N LEU D 253 7.20 34.66 17.88
CA LEU D 253 6.09 35.61 17.89
C LEU D 253 5.69 36.10 19.31
N ALA D 254 6.25 35.48 20.34
CA ALA D 254 5.89 35.86 21.70
C ALA D 254 6.55 37.17 22.10
N GLN D 255 7.61 37.57 21.35
CA GLN D 255 8.32 38.85 21.61
C GLN D 255 8.09 39.83 20.48
PA NAD E . 12.50 -19.29 2.35
O1A NAD E . 12.98 -19.92 3.61
O2A NAD E . 13.46 -18.32 1.76
O5B NAD E . 11.09 -18.55 2.64
C5B NAD E . 10.10 -19.15 3.45
C4B NAD E . 9.07 -18.10 3.83
O4B NAD E . 8.09 -18.76 4.62
C3B NAD E . 9.67 -17.01 4.71
O3B NAD E . 8.94 -15.83 4.49
C2B NAD E . 9.42 -17.50 6.12
O2B NAD E . 9.33 -16.45 7.05
C1B NAD E . 8.04 -18.12 5.88
N9A NAD E . 7.59 -19.04 6.94
C8A NAD E . 8.29 -20.11 7.43
N7A NAD E . 7.53 -20.69 8.37
C5A NAD E . 6.35 -20.04 8.47
C6A NAD E . 5.21 -20.19 9.27
N6A NAD E . 5.09 -21.15 10.19
N1A NAD E . 4.18 -19.29 9.12
C2A NAD E . 4.25 -18.25 8.19
N3A NAD E . 5.37 -18.10 7.41
C4A NAD E . 6.40 -18.98 7.54
O3 NAD E . 12.18 -20.54 1.39
PN NAD E . 11.75 -20.58 -0.15
O1N NAD E . 12.81 -21.34 -0.84
O2N NAD E . 11.42 -19.22 -0.64
O5D NAD E . 10.40 -21.45 -0.03
C5D NAD E . 9.10 -20.97 -0.36
C4D NAD E . 8.28 -22.17 -0.90
O4D NAD E . 8.91 -22.64 -2.07
C3D NAD E . 8.24 -23.36 0.07
O3D NAD E . 6.92 -23.88 0.12
C2D NAD E . 9.25 -24.33 -0.50
O2D NAD E . 8.94 -25.66 -0.16
C1D NAD E . 9.01 -24.07 -1.98
N1N NAD E . 10.06 -24.53 -2.91
C2N NAD E . 11.36 -24.06 -2.78
C3N NAD E . 12.32 -24.47 -3.68
C7N NAD E . 13.67 -23.83 -3.63
O7N NAD E . 14.62 -24.45 -4.38
N7N NAD E . 13.92 -22.73 -2.90
C4N NAD E . 12.00 -25.39 -4.71
C5N NAD E . 10.68 -25.84 -4.86
C6N NAD E . 9.72 -25.39 -3.94
PA NAD F . -17.20 25.60 34.62
O1A NAD F . -17.96 26.65 35.34
O2A NAD F . -17.98 24.46 34.09
O5B NAD F . -15.91 25.11 35.43
C5B NAD F . -15.15 25.98 36.23
C4B NAD F . -14.27 25.12 37.16
O4B NAD F . -13.47 25.98 37.94
C3B NAD F . -15.07 24.26 38.14
O3B NAD F . -14.37 23.07 38.45
C2B NAD F . -15.15 25.11 39.37
O2B NAD F . -15.29 24.38 40.56
C1B NAD F . -13.78 25.74 39.32
N9A NAD F . -13.72 26.97 40.11
C8A NAD F . -14.58 28.03 40.12
N7A NAD F . -14.10 28.95 40.99
C5A NAD F . -12.94 28.47 41.52
C6A NAD F . -12.05 29.00 42.47
N6A NAD F . -12.29 30.19 43.05
N1A NAD F . -10.95 28.26 42.80
C2A NAD F . -10.72 27.00 42.23
N3A NAD F . -11.60 26.47 41.31
C4A NAD F . -12.70 27.23 40.96
O3 NAD F . -16.48 26.43 33.44
PN NAD F . -15.69 25.94 32.15
O1N NAD F . -16.45 26.48 30.99
O2N NAD F . -15.19 24.53 32.15
O5D NAD F . -14.40 26.91 32.35
C5D NAD F . -13.06 26.46 32.51
C4D NAD F . -12.14 27.52 31.90
O4D NAD F . -12.33 27.59 30.51
C3D NAD F . -12.38 28.92 32.44
O3D NAD F . -11.14 29.57 32.65
C2D NAD F . -13.13 29.63 31.33
O2D NAD F . -12.80 30.98 31.29
C1D NAD F . -12.49 28.93 30.13
N1N NAD F . -13.27 29.05 28.90
C2N NAD F . -14.58 28.62 28.86
C3N NAD F . -15.28 28.74 27.69
C7N NAD F . -16.62 28.11 27.52
O7N NAD F . -17.32 28.44 26.34
N7N NAD F . -17.13 27.27 28.43
C4N NAD F . -14.66 29.29 26.57
C5N NAD F . -13.32 29.72 26.63
C6N NAD F . -12.65 29.58 27.81
PA NAD G . 12.89 22.93 1.24
O1A NAD G . 13.64 23.70 0.23
O2A NAD G . 13.60 21.83 1.94
O5B NAD G . 11.65 22.19 0.55
C5B NAD G . 10.88 22.86 -0.43
C4B NAD G . 10.05 21.85 -1.21
O4B NAD G . 9.26 22.55 -2.17
C3B NAD G . 10.95 20.90 -1.99
O3B NAD G . 10.29 19.62 -2.08
C2B NAD G . 11.04 21.57 -3.35
O2B NAD G . 11.39 20.69 -4.40
C1B NAD G . 9.60 22.08 -3.46
N9A NAD G . 9.39 23.10 -4.51
C8A NAD G . 10.07 24.27 -4.73
N7A NAD G . 9.52 24.89 -5.81
C5A NAD G . 8.47 24.13 -6.25
C6A NAD G . 7.58 24.23 -7.32
N6A NAD G . 7.53 25.32 -8.12
N1A NAD G . 6.64 23.24 -7.51
C2A NAD G . 6.61 22.12 -6.70
N3A NAD G . 7.50 21.99 -5.67
C4A NAD G . 8.41 23.00 -5.45
O3 NAD G . 12.23 24.08 2.18
PN NAD G . 11.33 23.82 3.51
O1N NAD G . 12.06 24.60 4.52
O2N NAD G . 11.11 22.36 3.69
O5D NAD G . 9.99 24.62 3.09
C5D NAD G . 8.67 24.06 3.05
C4D NAD G . 7.71 25.18 3.44
O4D NAD G . 7.97 25.60 4.77
C3D NAD G . 7.85 26.46 2.61
O3D NAD G . 6.55 26.87 2.22
C2D NAD G . 8.50 27.47 3.54
O2D NAD G . 8.17 28.80 3.19
C1D NAD G . 7.92 27.02 4.86
N1N NAD G . 8.70 27.43 6.05
C2N NAD G . 10.03 27.05 6.19
C3N NAD G . 10.75 27.43 7.32
C7N NAD G . 12.19 27.00 7.55
O7N NAD G . 12.86 27.69 8.56
N7N NAD G . 12.78 26.03 6.84
C4N NAD G . 10.13 28.22 8.29
C5N NAD G . 8.80 28.59 8.16
C6N NAD G . 8.09 28.19 7.02
#